data_9KUJ
#
_entry.id   9KUJ
#
_cell.length_a   47.091
_cell.length_b   79.473
_cell.length_c   173.061
_cell.angle_alpha   90.00
_cell.angle_beta   90.00
_cell.angle_gamma   90.00
#
_symmetry.space_group_name_H-M   'P 21 21 21'
#
loop_
_entity.id
_entity.type
_entity.pdbx_description
1 polymer 'Quinone oxidoreductase'
2 water water
#
_entity_poly.entity_id   1
_entity_poly.type   'polypeptide(L)'
_entity_poly.pdbx_seq_one_letter_code
;MAKRIQFSATGGPEVLEYVDFEPKDPAAGEVQVENKAIGINYIDTYVRSGLYPAPLPSGLGSEAAGVVTKVGTGVSHIKV
GDRVVYAQSSLGAYSEYHNVPAQKVAVLPEGISFEQAAASFLKGLTVQYLFRQTHKIKAGDIFLFHAAAGGVGLIASQWA
KALGAKLIGTVGSDEKAALAKEAGAWATINYQTEDIAARVAELTQGEKVSVVYDSVGKSTWLASLDSLKRHGLLVSFGNA
SGPVKDVDLGILNQKGSLFVTRPSLNGYITTQEELAAASEELFSLIASDAIKVDVKDAQKFPLSQARRAHETLESRATTG
SSLLIP
;
_entity_poly.pdbx_strand_id   A,B
#
# COMPACT_ATOMS: atom_id res chain seq x y z
N MET A 1 30.74 -35.86 12.06
CA MET A 1 29.56 -36.13 11.18
C MET A 1 28.24 -35.98 11.93
N ALA A 2 27.25 -35.38 11.26
CA ALA A 2 25.93 -35.15 11.85
C ALA A 2 24.83 -35.40 10.82
N LYS A 3 23.57 -35.22 11.23
CA LYS A 3 22.41 -35.50 10.39
C LYS A 3 21.70 -34.24 9.93
N ARG A 4 21.21 -34.24 8.70
CA ARG A 4 20.36 -33.16 8.19
C ARG A 4 19.31 -33.67 7.22
N ILE A 5 18.24 -32.90 7.11
CA ILE A 5 17.26 -33.13 6.07
C ILE A 5 17.64 -32.29 4.87
N GLN A 6 17.57 -32.91 3.70
CA GLN A 6 17.78 -32.21 2.45
C GLN A 6 16.84 -32.80 1.41
N PHE A 7 16.82 -32.20 0.24
CA PHE A 7 16.06 -32.74 -0.89
C PHE A 7 16.88 -32.57 -2.17
N SER A 8 16.96 -33.64 -2.95
CA SER A 8 17.78 -33.65 -4.16
C SER A 8 17.01 -33.09 -5.37
N ALA A 9 15.70 -33.30 -5.38
CA ALA A 9 14.81 -32.69 -6.38
C ALA A 9 13.53 -32.18 -5.71
N THR A 10 12.96 -31.14 -6.29
CA THR A 10 11.75 -30.53 -5.74
C THR A 10 10.55 -31.43 -5.94
N GLY A 11 9.55 -31.30 -5.06
CA GLY A 11 8.34 -32.09 -5.16
C GLY A 11 7.48 -32.00 -3.92
N GLY A 12 6.86 -33.13 -3.55
CA GLY A 12 6.08 -33.23 -2.31
C GLY A 12 6.94 -33.73 -1.17
N PRO A 13 6.33 -34.00 -0.01
CA PRO A 13 7.02 -34.50 1.19
C PRO A 13 7.94 -35.71 0.95
N GLU A 14 7.59 -36.57 -0.01
CA GLU A 14 8.38 -37.75 -0.34
C GLU A 14 9.83 -37.47 -0.81
N VAL A 15 10.13 -36.23 -1.22
CA VAL A 15 11.48 -35.89 -1.70
C VAL A 15 12.50 -35.66 -0.58
N LEU A 16 12.04 -35.59 0.67
CA LEU A 16 12.91 -35.28 1.80
C LEU A 16 13.84 -36.43 2.14
N GLU A 17 15.14 -36.14 2.11
CA GLU A 17 16.19 -37.11 2.39
C GLU A 17 16.83 -36.81 3.73
N TYR A 18 17.10 -37.85 4.51
CA TYR A 18 17.72 -37.72 5.82
C TYR A 18 19.13 -38.32 5.74
N VAL A 19 20.14 -37.45 5.69
CA VAL A 19 21.50 -37.88 5.37
C VAL A 19 22.55 -37.41 6.38
N ASP A 20 23.74 -37.98 6.28
CA ASP A 20 24.91 -37.53 7.04
C ASP A 20 25.60 -36.38 6.32
N PHE A 21 26.27 -35.54 7.09
CA PHE A 21 27.08 -34.45 6.55
C PHE A 21 28.11 -34.03 7.59
N GLU A 22 29.19 -33.40 7.12
CA GLU A 22 30.25 -32.93 7.99
C GLU A 22 30.00 -31.45 8.30
N PRO A 23 29.68 -31.12 9.58
CA PRO A 23 29.50 -29.72 9.91
C PRO A 23 30.83 -28.97 9.89
N LYS A 24 30.88 -27.86 9.18
CA LYS A 24 32.09 -27.07 9.06
C LYS A 24 32.22 -26.05 10.20
N ASP A 25 33.46 -25.79 10.61
CA ASP A 25 33.75 -24.77 11.63
C ASP A 25 33.27 -23.39 11.18
N PRO A 26 32.71 -22.60 12.10
CA PRO A 26 32.10 -21.33 11.73
C PRO A 26 33.10 -20.30 11.19
N ALA A 27 32.67 -19.54 10.19
CA ALA A 27 33.48 -18.47 9.60
C ALA A 27 33.51 -17.28 10.56
N ALA A 28 34.24 -16.23 10.17
CA ALA A 28 34.50 -15.08 11.03
C ALA A 28 33.28 -14.43 11.67
N GLY A 29 32.18 -14.34 10.93
CA GLY A 29 30.98 -13.69 11.46
C GLY A 29 30.04 -14.60 12.23
N GLU A 30 30.31 -15.90 12.20
CA GLU A 30 29.28 -16.91 12.49
C GLU A 30 29.45 -17.59 13.86
N VAL A 31 28.39 -18.28 14.26
CA VAL A 31 28.41 -19.15 15.41
C VAL A 31 27.79 -20.46 14.95
N GLN A 32 28.27 -21.56 15.49
CA GLN A 32 27.73 -22.87 15.19
C GLN A 32 26.77 -23.25 16.29
N VAL A 33 25.54 -23.57 15.90
CA VAL A 33 24.50 -23.95 16.84
C VAL A 33 24.21 -25.44 16.73
N GLU A 34 24.39 -26.16 17.84
CA GLU A 34 23.91 -27.51 17.95
C GLU A 34 22.42 -27.40 18.18
N ASN A 35 21.64 -27.54 17.12
CA ASN A 35 20.20 -27.39 17.22
C ASN A 35 19.59 -28.42 18.17
N LYS A 36 18.69 -27.95 19.02
CA LYS A 36 17.95 -28.81 19.95
C LYS A 36 16.46 -28.88 19.60
N ALA A 37 15.92 -27.82 19.00
CA ALA A 37 14.54 -27.82 18.51
C ALA A 37 14.45 -26.95 17.27
N ILE A 38 13.74 -27.43 16.25
CA ILE A 38 13.73 -26.82 14.93
C ILE A 38 12.32 -26.42 14.55
N GLY A 39 12.19 -25.19 14.03
CA GLY A 39 10.89 -24.65 13.63
C GLY A 39 10.41 -25.20 12.31
N ILE A 40 9.09 -25.34 12.17
CA ILE A 40 8.48 -25.79 10.93
C ILE A 40 7.55 -24.70 10.42
N ASN A 41 7.88 -24.16 9.25
CA ASN A 41 7.16 -23.05 8.65
C ASN A 41 6.70 -23.38 7.25
N TYR A 42 5.54 -22.84 6.85
CA TYR A 42 4.99 -23.07 5.52
C TYR A 42 6.01 -22.82 4.40
N ILE A 43 6.88 -21.82 4.57
CA ILE A 43 7.93 -21.52 3.59
C ILE A 43 8.88 -22.70 3.34
N ASP A 44 9.01 -23.57 4.34
CA ASP A 44 9.79 -24.80 4.17
C ASP A 44 9.17 -25.68 3.08
N THR A 45 7.83 -25.76 3.06
CA THR A 45 7.11 -26.55 2.06
C THR A 45 7.20 -25.92 0.67
N TYR A 46 7.16 -24.60 0.61
CA TYR A 46 7.26 -23.89 -0.67
C TYR A 46 8.65 -24.09 -1.31
N VAL A 47 9.70 -23.98 -0.51
CA VAL A 47 11.06 -24.20 -0.99
C VAL A 47 11.22 -25.65 -1.47
N ARG A 48 10.72 -26.59 -0.69
CA ARG A 48 10.81 -28.00 -1.01
C ARG A 48 10.07 -28.36 -2.30
N SER A 49 8.99 -27.63 -2.61
CA SER A 49 8.19 -27.88 -3.81
C SER A 49 8.66 -27.08 -5.04
N GLY A 50 9.63 -26.19 -4.85
CA GLY A 50 10.20 -25.44 -5.96
C GLY A 50 9.51 -24.14 -6.27
N LEU A 51 8.53 -23.74 -5.43
CA LEU A 51 7.91 -22.42 -5.57
C LEU A 51 8.96 -21.33 -5.33
N TYR A 52 9.93 -21.61 -4.46
CA TYR A 52 11.09 -20.74 -4.28
C TYR A 52 12.35 -21.45 -4.79
N PRO A 53 13.08 -20.83 -5.74
CA PRO A 53 14.25 -21.51 -6.29
C PRO A 53 15.36 -21.63 -5.25
N ALA A 54 15.95 -22.81 -5.14
CA ALA A 54 17.14 -23.00 -4.32
C ALA A 54 18.10 -23.98 -4.99
N PRO A 55 19.41 -23.77 -4.84
CA PRO A 55 20.38 -24.69 -5.43
C PRO A 55 20.21 -26.09 -4.84
N LEU A 56 20.33 -27.13 -5.66
CA LEU A 56 20.16 -28.50 -5.21
C LEU A 56 21.49 -29.27 -5.21
N PRO A 57 21.67 -30.22 -4.28
CA PRO A 57 20.72 -30.50 -3.20
C PRO A 57 20.74 -29.37 -2.18
N SER A 58 19.59 -29.09 -1.56
CA SER A 58 19.46 -27.99 -0.61
C SER A 58 19.05 -28.47 0.76
N GLY A 59 19.43 -27.71 1.78
CA GLY A 59 18.90 -27.89 3.11
C GLY A 59 17.50 -27.32 3.14
N LEU A 60 16.96 -27.20 4.34
CA LEU A 60 15.60 -26.71 4.52
C LEU A 60 15.44 -26.08 5.90
N GLY A 61 14.53 -25.12 6.01
CA GLY A 61 14.30 -24.40 7.25
C GLY A 61 15.30 -23.29 7.49
N SER A 62 14.82 -22.21 8.10
CA SER A 62 15.69 -21.14 8.59
C SER A 62 15.51 -20.87 10.09
N GLU A 63 14.62 -21.61 10.75
CA GLU A 63 14.28 -21.35 12.15
C GLU A 63 14.66 -22.55 13.01
N ALA A 64 15.47 -22.31 14.04
CA ALA A 64 15.78 -23.32 15.03
C ALA A 64 16.42 -22.70 16.26
N ALA A 65 16.43 -23.47 17.35
CA ALA A 65 17.03 -23.05 18.61
C ALA A 65 17.88 -24.17 19.17
N GLY A 66 18.99 -23.80 19.80
CA GLY A 66 19.87 -24.77 20.42
C GLY A 66 21.04 -24.13 21.14
N VAL A 67 22.08 -24.92 21.32
CA VAL A 67 23.26 -24.54 22.08
C VAL A 67 24.39 -24.19 21.15
N VAL A 68 25.06 -23.07 21.42
CA VAL A 68 26.20 -22.64 20.61
C VAL A 68 27.38 -23.51 20.98
N THR A 69 27.95 -24.20 20.00
CA THR A 69 29.09 -25.09 20.24
C THR A 69 30.42 -24.41 19.93
N LYS A 70 30.50 -23.72 18.80
CA LYS A 70 31.71 -23.03 18.39
C LYS A 70 31.39 -21.61 17.96
N VAL A 71 32.40 -20.75 17.98
CA VAL A 71 32.23 -19.34 17.65
C VAL A 71 33.34 -18.87 16.71
N GLY A 72 32.95 -18.06 15.73
CA GLY A 72 33.89 -17.57 14.73
C GLY A 72 34.73 -16.39 15.20
N THR A 73 35.70 -16.02 14.38
CA THR A 73 36.72 -15.02 14.73
C THR A 73 36.18 -13.71 15.31
N GLY A 74 35.16 -13.13 14.71
CA GLY A 74 34.73 -11.78 15.09
C GLY A 74 33.71 -11.60 16.20
N VAL A 75 33.29 -12.68 16.84
CA VAL A 75 32.05 -12.66 17.63
C VAL A 75 32.26 -12.44 19.13
N SER A 76 31.73 -11.32 19.63
CA SER A 76 31.88 -10.92 21.04
C SER A 76 30.60 -11.18 21.83
N HIS A 77 29.53 -10.57 21.36
CA HIS A 77 28.20 -10.64 21.95
C HIS A 77 27.58 -12.04 22.19
N ILE A 78 28.15 -13.09 21.60
CA ILE A 78 27.68 -14.47 21.83
C ILE A 78 28.86 -15.37 22.14
N LYS A 79 28.70 -16.26 23.13
CA LYS A 79 29.80 -17.11 23.58
C LYS A 79 29.41 -18.58 23.54
N VAL A 80 30.43 -19.44 23.56
CA VAL A 80 30.21 -20.89 23.52
C VAL A 80 29.30 -21.27 24.68
N GLY A 81 28.37 -22.20 24.44
CA GLY A 81 27.44 -22.66 25.46
C GLY A 81 26.17 -21.85 25.61
N ASP A 82 26.11 -20.65 25.02
CA ASP A 82 24.88 -19.85 25.02
C ASP A 82 23.74 -20.60 24.37
N ARG A 83 22.56 -20.46 24.96
CA ARG A 83 21.33 -21.01 24.42
C ARG A 83 20.76 -19.93 23.50
N VAL A 84 20.54 -20.27 22.24
CA VAL A 84 20.15 -19.28 21.25
C VAL A 84 18.99 -19.73 20.36
N VAL A 85 18.41 -18.78 19.65
CA VAL A 85 17.42 -19.05 18.62
C VAL A 85 17.68 -18.14 17.42
N TYR A 86 17.41 -18.65 16.22
CA TYR A 86 17.48 -17.85 15.00
C TYR A 86 16.28 -18.15 14.11
N ALA A 87 15.93 -17.18 13.28
CA ALA A 87 14.80 -17.32 12.35
C ALA A 87 15.14 -17.09 10.87
N GLN A 88 16.38 -16.67 10.59
CA GLN A 88 16.75 -16.24 9.26
C GLN A 88 18.09 -16.82 8.79
N SER A 89 18.40 -18.05 9.18
CA SER A 89 19.65 -18.67 8.73
C SER A 89 19.51 -19.03 7.26
N SER A 90 20.63 -19.34 6.63
CA SER A 90 20.59 -19.96 5.32
C SER A 90 19.80 -21.26 5.43
N LEU A 91 19.22 -21.70 4.32
CA LEU A 91 18.48 -22.95 4.30
C LEU A 91 19.33 -24.08 4.87
N GLY A 92 18.81 -24.76 5.88
CA GLY A 92 19.57 -25.78 6.59
C GLY A 92 19.33 -25.92 8.09
N ALA A 93 18.35 -25.20 8.63
CA ALA A 93 17.98 -25.35 10.04
C ALA A 93 17.53 -26.76 10.36
N TYR A 94 17.00 -27.47 9.37
CA TYR A 94 16.65 -28.89 9.49
C TYR A 94 17.95 -29.69 9.60
N SER A 95 18.60 -29.61 10.76
CA SER A 95 19.90 -30.25 10.95
C SER A 95 20.26 -30.29 12.42
N GLU A 96 21.16 -31.20 12.77
CA GLU A 96 21.69 -31.30 14.12
C GLU A 96 22.67 -30.15 14.40
N TYR A 97 23.30 -29.65 13.35
CA TYR A 97 24.19 -28.50 13.43
C TYR A 97 23.99 -27.58 12.24
N HIS A 98 24.07 -26.28 12.49
CA HIS A 98 23.96 -25.29 11.43
C HIS A 98 24.68 -24.03 11.86
N ASN A 99 25.55 -23.52 10.99
CA ASN A 99 26.21 -22.23 11.22
C ASN A 99 25.28 -21.10 10.85
N VAL A 100 25.28 -20.05 11.68
CA VAL A 100 24.46 -18.87 11.43
C VAL A 100 25.30 -17.62 11.75
N PRO A 101 25.18 -16.57 10.92
CA PRO A 101 25.80 -15.29 11.29
C PRO A 101 25.33 -14.83 12.66
N ALA A 102 26.28 -14.40 13.50
CA ALA A 102 25.99 -14.00 14.88
C ALA A 102 24.99 -12.86 14.95
N GLN A 103 24.99 -12.01 13.92
CA GLN A 103 24.05 -10.90 13.80
C GLN A 103 22.60 -11.36 13.72
N LYS A 104 22.39 -12.56 13.19
CA LYS A 104 21.05 -13.10 12.98
C LYS A 104 20.65 -14.13 14.06
N VAL A 105 21.25 -14.00 15.23
CA VAL A 105 21.03 -14.93 16.34
C VAL A 105 20.73 -14.15 17.61
N ALA A 106 19.70 -14.59 18.34
CA ALA A 106 19.31 -13.98 19.60
C ALA A 106 19.53 -14.92 20.78
N VAL A 107 20.16 -14.42 21.84
CA VAL A 107 20.34 -15.18 23.07
C VAL A 107 19.00 -15.29 23.78
N LEU A 108 18.67 -16.50 24.21
CA LEU A 108 17.43 -16.77 24.93
C LEU A 108 17.54 -16.38 26.41
N PRO A 109 16.43 -15.84 26.97
CA PRO A 109 16.25 -15.81 28.42
C PRO A 109 16.23 -17.20 29.02
N GLU A 110 16.40 -17.31 30.33
CA GLU A 110 16.39 -18.63 30.98
C GLU A 110 15.00 -19.24 30.97
N GLY A 111 13.97 -18.40 31.06
CA GLY A 111 12.57 -18.86 31.06
C GLY A 111 12.09 -19.57 29.81
N ILE A 112 12.64 -19.20 28.66
CA ILE A 112 12.22 -19.74 27.36
C ILE A 112 13.09 -20.94 26.96
N SER A 113 12.46 -22.10 26.82
CA SER A 113 13.15 -23.34 26.44
C SER A 113 13.42 -23.39 24.95
N PHE A 114 14.20 -24.39 24.51
CA PHE A 114 14.54 -24.55 23.10
C PHE A 114 13.28 -24.77 22.26
N GLU A 115 12.33 -25.51 22.82
CA GLU A 115 11.14 -25.92 22.07
C GLU A 115 10.19 -24.74 21.89
N GLN A 116 10.09 -23.92 22.92
CA GLN A 116 9.27 -22.70 22.85
C GLN A 116 9.85 -21.71 21.84
N ALA A 117 11.18 -21.61 21.81
CA ALA A 117 11.85 -20.66 20.94
C ALA A 117 11.60 -21.02 19.47
N ALA A 118 11.80 -22.30 19.14
CA ALA A 118 11.63 -22.78 17.76
C ALA A 118 10.16 -22.80 17.32
N ALA A 119 9.25 -22.84 18.30
CA ALA A 119 7.83 -22.72 18.01
C ALA A 119 7.48 -21.27 17.69
N SER A 120 8.09 -20.34 18.43
CA SER A 120 7.58 -18.97 18.54
C SER A 120 8.41 -17.89 17.90
N PHE A 121 9.63 -18.18 17.45
CA PHE A 121 10.56 -17.10 17.13
C PHE A 121 10.27 -16.44 15.77
N LEU A 122 10.37 -17.19 14.69
CA LEU A 122 10.07 -16.66 13.36
C LEU A 122 8.62 -16.18 13.30
N LYS A 123 7.71 -16.97 13.85
CA LYS A 123 6.30 -16.61 13.85
C LYS A 123 6.04 -15.41 14.77
N GLY A 124 6.77 -15.32 15.88
CA GLY A 124 6.66 -14.20 16.81
C GLY A 124 7.29 -12.91 16.31
N LEU A 125 8.44 -13.04 15.65
CA LEU A 125 9.07 -11.90 14.96
C LEU A 125 8.17 -11.38 13.84
N THR A 126 7.49 -12.32 13.17
CA THR A 126 6.55 -11.97 12.12
C THR A 126 5.40 -11.15 12.70
N VAL A 127 4.83 -11.61 13.81
CA VAL A 127 3.74 -10.89 14.47
C VAL A 127 4.20 -9.49 14.89
N GLN A 128 5.42 -9.37 15.41
CA GLN A 128 5.88 -8.07 15.92
C GLN A 128 5.96 -7.02 14.80
N TYR A 129 6.51 -7.37 13.65
CA TYR A 129 6.61 -6.40 12.57
C TYR A 129 5.23 -6.07 11.98
N LEU A 130 4.38 -7.07 11.86
CA LEU A 130 3.00 -6.86 11.39
C LEU A 130 2.24 -5.87 12.28
N PHE A 131 2.37 -6.05 13.59
CA PHE A 131 1.57 -5.32 14.59
C PHE A 131 2.21 -4.02 15.06
N ARG A 132 3.52 -3.90 14.93
CA ARG A 132 4.24 -2.73 15.45
C ARG A 132 4.92 -1.89 14.36
N GLN A 133 5.21 -2.46 13.20
CA GLN A 133 5.96 -1.76 12.17
C GLN A 133 5.16 -1.50 10.90
N THR A 134 4.64 -2.56 10.30
CA THR A 134 3.85 -2.45 9.07
C THR A 134 2.58 -1.61 9.30
N HIS A 135 1.96 -1.80 10.46
CA HIS A 135 0.81 -1.02 10.87
C HIS A 135 0.75 -1.09 12.38
N LYS A 136 0.82 0.06 13.04
CA LYS A 136 0.92 0.10 14.50
C LYS A 136 -0.48 -0.02 15.11
N ILE A 137 -0.78 -1.23 15.60
CA ILE A 137 -2.05 -1.51 16.26
C ILE A 137 -2.16 -0.70 17.54
N LYS A 138 -3.22 0.11 17.64
CA LYS A 138 -3.50 0.91 18.85
C LYS A 138 -4.47 0.16 19.74
N ALA A 139 -4.47 0.48 21.02
CA ALA A 139 -5.44 -0.10 21.95
C ALA A 139 -6.86 0.31 21.55
N GLY A 140 -7.75 -0.68 21.45
CA GLY A 140 -9.13 -0.44 21.05
C GLY A 140 -9.43 -0.82 19.61
N ASP A 141 -8.39 -1.00 18.79
CA ASP A 141 -8.56 -1.21 17.34
C ASP A 141 -9.20 -2.55 17.01
N ILE A 142 -10.19 -2.53 16.12
CA ILE A 142 -10.76 -3.75 15.56
C ILE A 142 -10.03 -4.04 14.26
N PHE A 143 -9.58 -5.28 14.09
CA PHE A 143 -8.94 -5.70 12.84
C PHE A 143 -9.15 -7.18 12.57
N LEU A 144 -8.91 -7.57 11.32
CA LEU A 144 -9.12 -8.95 10.88
C LEU A 144 -7.77 -9.65 10.72
N PHE A 145 -7.68 -10.88 11.22
CA PHE A 145 -6.49 -11.70 11.08
C PHE A 145 -6.86 -13.10 10.62
N HIS A 146 -6.54 -13.45 9.38
CA HIS A 146 -6.84 -14.78 8.86
C HIS A 146 -5.94 -15.85 9.46
N ALA A 147 -6.50 -17.05 9.62
CA ALA A 147 -5.79 -18.22 10.17
C ALA A 147 -5.32 -17.97 11.60
N ALA A 148 -6.27 -17.64 12.48
CA ALA A 148 -5.98 -17.28 13.87
C ALA A 148 -5.66 -18.49 14.76
N ALA A 149 -5.96 -19.68 14.28
CA ALA A 149 -5.68 -20.91 15.02
C ALA A 149 -4.29 -21.45 14.70
N GLY A 150 -3.70 -20.98 13.61
CA GLY A 150 -2.34 -21.35 13.23
C GLY A 150 -1.27 -20.89 14.21
N GLY A 151 -0.01 -21.19 13.88
CA GLY A 151 1.12 -20.85 14.73
C GLY A 151 1.29 -19.35 14.87
N VAL A 152 1.17 -18.64 13.74
CA VAL A 152 1.28 -17.20 13.72
C VAL A 152 0.04 -16.60 14.36
N GLY A 153 -1.11 -17.23 14.10
CA GLY A 153 -2.39 -16.76 14.59
C GLY A 153 -2.54 -16.68 16.09
N LEU A 154 -2.10 -17.72 16.80
CA LEU A 154 -2.22 -17.77 18.25
C LEU A 154 -1.29 -16.77 18.95
N ILE A 155 -0.15 -16.50 18.34
CA ILE A 155 0.73 -15.47 18.87
C ILE A 155 0.08 -14.10 18.60
N ALA A 156 -0.50 -13.95 17.40
CA ALA A 156 -1.17 -12.72 17.01
C ALA A 156 -2.35 -12.44 17.93
N SER A 157 -3.14 -13.47 18.22
CA SER A 157 -4.26 -13.32 19.13
C SER A 157 -3.79 -12.77 20.48
N GLN A 158 -2.82 -13.44 21.07
CA GLN A 158 -2.30 -13.08 22.39
C GLN A 158 -1.62 -11.72 22.40
N TRP A 159 -0.94 -11.38 21.30
CA TRP A 159 -0.28 -10.07 21.21
C TRP A 159 -1.34 -8.98 21.14
N ALA A 160 -2.33 -9.16 20.26
CA ALA A 160 -3.45 -8.22 20.14
C ALA A 160 -4.08 -7.93 21.50
N LYS A 161 -4.34 -8.99 22.27
CA LYS A 161 -4.90 -8.86 23.63
C LYS A 161 -4.00 -8.05 24.55
N ALA A 162 -2.69 -8.31 24.48
CA ALA A 162 -1.70 -7.58 25.28
C ALA A 162 -1.68 -6.09 24.93
N LEU A 163 -1.92 -5.79 23.65
CA LEU A 163 -2.03 -4.40 23.19
C LEU A 163 -3.41 -3.79 23.48
N GLY A 164 -4.36 -4.62 23.93
CA GLY A 164 -5.71 -4.17 24.20
C GLY A 164 -6.50 -3.90 22.92
N ALA A 165 -6.25 -4.72 21.91
CA ALA A 165 -6.90 -4.61 20.61
C ALA A 165 -7.80 -5.80 20.36
N LYS A 166 -8.68 -5.67 19.37
CA LYS A 166 -9.74 -6.64 19.14
C LYS A 166 -9.57 -7.36 17.80
N LEU A 167 -8.92 -8.52 17.86
CA LEU A 167 -8.59 -9.30 16.70
C LEU A 167 -9.77 -10.19 16.34
N ILE A 168 -10.33 -9.97 15.15
CA ILE A 168 -11.27 -10.91 14.56
C ILE A 168 -10.44 -11.96 13.84
N GLY A 169 -10.65 -13.23 14.19
CA GLY A 169 -9.82 -14.32 13.66
C GLY A 169 -10.60 -15.33 12.85
N THR A 170 -10.14 -15.61 11.63
CA THR A 170 -10.81 -16.62 10.80
C THR A 170 -10.19 -17.98 11.10
N VAL A 171 -11.05 -18.99 11.19
CA VAL A 171 -10.63 -20.34 11.57
C VAL A 171 -11.46 -21.37 10.83
N GLY A 172 -10.94 -22.59 10.75
CA GLY A 172 -11.55 -23.66 9.97
C GLY A 172 -12.40 -24.66 10.74
N SER A 173 -12.65 -24.40 12.02
CA SER A 173 -13.46 -25.32 12.83
C SER A 173 -13.97 -24.65 14.11
N ASP A 174 -14.95 -25.29 14.76
CA ASP A 174 -15.45 -24.80 16.05
C ASP A 174 -14.41 -25.00 17.16
N GLU A 175 -13.62 -26.07 17.05
CA GLU A 175 -12.54 -26.33 18.01
C GLU A 175 -11.44 -25.27 17.91
N LYS A 176 -11.03 -24.96 16.69
CA LYS A 176 -10.06 -23.89 16.44
C LYS A 176 -10.58 -22.51 16.85
N ALA A 177 -11.89 -22.31 16.74
CA ALA A 177 -12.54 -21.07 17.16
C ALA A 177 -12.39 -20.84 18.67
N ALA A 178 -12.65 -21.88 19.46
CA ALA A 178 -12.53 -21.78 20.91
C ALA A 178 -11.08 -21.52 21.35
N LEU A 179 -10.14 -22.12 20.63
CA LEU A 179 -8.72 -22.00 20.93
C LEU A 179 -8.23 -20.57 20.68
N ALA A 180 -8.67 -20.00 19.56
CA ALA A 180 -8.36 -18.63 19.23
C ALA A 180 -8.95 -17.67 20.26
N LYS A 181 -10.18 -17.93 20.70
CA LYS A 181 -10.79 -17.12 21.76
C LYS A 181 -9.98 -17.23 23.04
N GLU A 182 -9.68 -18.46 23.47
CA GLU A 182 -8.82 -18.67 24.63
C GLU A 182 -7.52 -17.88 24.53
N ALA A 183 -6.96 -17.80 23.33
CA ALA A 183 -5.72 -17.07 23.10
C ALA A 183 -5.89 -15.54 22.99
N GLY A 184 -7.08 -15.02 23.27
CA GLY A 184 -7.31 -13.57 23.37
C GLY A 184 -7.96 -12.90 22.17
N ALA A 185 -8.37 -13.69 21.19
CA ALA A 185 -9.07 -13.15 20.02
C ALA A 185 -10.44 -12.64 20.42
N TRP A 186 -10.71 -11.37 20.12
CA TRP A 186 -11.96 -10.70 20.50
C TRP A 186 -13.19 -11.37 19.90
N ALA A 187 -13.10 -11.79 18.65
CA ALA A 187 -14.21 -12.46 17.96
C ALA A 187 -13.69 -13.46 16.94
N THR A 188 -14.60 -14.29 16.43
CA THR A 188 -14.22 -15.42 15.60
C THR A 188 -15.16 -15.60 14.41
N ILE A 189 -14.59 -16.05 13.28
CA ILE A 189 -15.34 -16.34 12.06
C ILE A 189 -14.91 -17.70 11.54
N ASN A 190 -15.88 -18.52 11.12
CA ASN A 190 -15.58 -19.81 10.49
C ASN A 190 -15.54 -19.65 8.97
N TYR A 191 -14.35 -19.77 8.38
CA TYR A 191 -14.21 -19.52 6.95
C TYR A 191 -14.75 -20.64 6.05
N GLN A 192 -15.34 -21.69 6.62
CA GLN A 192 -16.06 -22.70 5.84
C GLN A 192 -17.57 -22.52 5.92
N THR A 193 -18.07 -22.10 7.08
CA THR A 193 -19.49 -21.81 7.27
C THR A 193 -19.85 -20.43 6.74
N GLU A 194 -19.10 -19.42 7.18
CA GLU A 194 -19.53 -18.04 7.10
C GLU A 194 -18.85 -17.26 5.97
N ASP A 195 -19.50 -16.16 5.58
CA ASP A 195 -18.89 -15.17 4.70
C ASP A 195 -18.05 -14.24 5.56
N ILE A 196 -16.77 -14.16 5.26
CA ILE A 196 -15.83 -13.39 6.07
C ILE A 196 -16.19 -11.90 6.12
N ALA A 197 -16.27 -11.26 4.95
CA ALA A 197 -16.55 -9.82 4.88
C ALA A 197 -17.91 -9.44 5.45
N ALA A 198 -18.90 -10.31 5.27
CA ALA A 198 -20.23 -10.09 5.81
C ALA A 198 -20.19 -10.06 7.35
N ARG A 199 -19.55 -11.07 7.91
CA ARG A 199 -19.40 -11.20 9.34
C ARG A 199 -18.56 -10.05 9.94
N VAL A 200 -17.57 -9.57 9.19
CA VAL A 200 -16.78 -8.40 9.62
C VAL A 200 -17.67 -7.17 9.67
N ALA A 201 -18.54 -7.03 8.67
CA ALA A 201 -19.50 -5.93 8.62
C ALA A 201 -20.44 -6.00 9.83
N GLU A 202 -20.94 -7.21 10.11
CA GLU A 202 -21.81 -7.43 11.27
C GLU A 202 -21.12 -7.00 12.57
N LEU A 203 -19.94 -7.56 12.83
CA LEU A 203 -19.20 -7.34 14.08
C LEU A 203 -18.75 -5.89 14.31
N THR A 204 -18.68 -5.11 13.24
CA THR A 204 -18.31 -3.68 13.34
C THR A 204 -19.50 -2.75 13.11
N GLN A 205 -20.71 -3.27 13.22
CA GLN A 205 -21.93 -2.51 12.91
C GLN A 205 -21.75 -1.66 11.64
N GLY A 206 -21.15 -2.25 10.60
CA GLY A 206 -20.97 -1.59 9.31
C GLY A 206 -19.73 -0.73 9.14
N GLU A 207 -19.03 -0.43 10.23
CA GLU A 207 -17.87 0.49 10.18
C GLU A 207 -16.63 -0.12 9.52
N LYS A 208 -16.51 -1.46 9.54
CA LYS A 208 -15.36 -2.19 8.99
C LYS A 208 -14.04 -1.91 9.74
N VAL A 209 -12.96 -2.54 9.30
CA VAL A 209 -11.66 -2.41 9.97
C VAL A 209 -10.64 -1.68 9.10
N SER A 210 -9.70 -0.99 9.75
CA SER A 210 -8.67 -0.22 9.05
C SER A 210 -7.47 -1.05 8.61
N VAL A 211 -7.40 -2.31 9.05
CA VAL A 211 -6.33 -3.21 8.59
C VAL A 211 -6.76 -4.67 8.55
N VAL A 212 -6.19 -5.42 7.61
CA VAL A 212 -6.38 -6.86 7.52
C VAL A 212 -5.01 -7.54 7.35
N TYR A 213 -4.77 -8.59 8.13
CA TYR A 213 -3.58 -9.42 8.00
C TYR A 213 -3.99 -10.77 7.39
N ASP A 214 -3.51 -11.04 6.18
CA ASP A 214 -4.02 -12.14 5.35
C ASP A 214 -2.89 -13.06 4.86
N SER A 215 -2.64 -14.13 5.62
CA SER A 215 -1.65 -15.15 5.24
C SER A 215 -2.22 -16.27 4.34
N VAL A 216 -3.43 -16.08 3.83
CA VAL A 216 -4.09 -17.07 2.97
C VAL A 216 -3.99 -16.69 1.48
N GLY A 217 -4.09 -15.40 1.17
CA GLY A 217 -3.91 -14.93 -0.19
C GLY A 217 -5.12 -15.15 -1.07
N LYS A 218 -5.02 -16.09 -2.01
CA LYS A 218 -5.94 -16.20 -3.16
C LYS A 218 -7.41 -16.31 -2.79
N SER A 219 -7.74 -17.28 -1.94
CA SER A 219 -9.12 -17.50 -1.49
C SER A 219 -9.74 -16.24 -0.88
N THR A 220 -8.95 -15.54 -0.06
CA THR A 220 -9.46 -14.48 0.78
C THR A 220 -9.16 -13.06 0.29
N TRP A 221 -8.65 -12.93 -0.93
CA TRP A 221 -8.30 -11.62 -1.50
C TRP A 221 -9.50 -10.67 -1.53
N LEU A 222 -10.59 -11.13 -2.14
CA LEU A 222 -11.82 -10.34 -2.24
C LEU A 222 -12.41 -10.12 -0.84
N ALA A 223 -12.47 -11.20 -0.07
CA ALA A 223 -13.00 -11.16 1.29
C ALA A 223 -12.27 -10.12 2.12
N SER A 224 -10.94 -10.14 2.05
CA SER A 224 -10.11 -9.20 2.80
C SER A 224 -10.31 -7.75 2.33
N LEU A 225 -10.44 -7.57 1.01
CA LEU A 225 -10.71 -6.24 0.46
C LEU A 225 -12.06 -5.68 0.90
N ASP A 226 -13.07 -6.56 0.91
CA ASP A 226 -14.42 -6.16 1.34
C ASP A 226 -14.51 -5.90 2.84
N SER A 227 -13.56 -6.45 3.61
CA SER A 227 -13.54 -6.25 5.06
C SER A 227 -12.96 -4.90 5.48
N LEU A 228 -12.33 -4.18 4.54
CA LEU A 228 -11.62 -2.94 4.87
C LEU A 228 -12.46 -1.68 4.71
N LYS A 229 -12.30 -0.76 5.64
CA LYS A 229 -12.93 0.55 5.52
C LYS A 229 -12.15 1.44 4.55
N ARG A 230 -12.69 2.63 4.28
CA ARG A 230 -12.05 3.60 3.40
C ARG A 230 -10.62 3.85 3.88
N HIS A 231 -9.67 3.84 2.94
CA HIS A 231 -8.23 4.04 3.21
C HIS A 231 -7.54 2.90 3.98
N GLY A 232 -8.20 1.75 4.08
CA GLY A 232 -7.69 0.62 4.86
C GLY A 232 -6.49 -0.07 4.25
N LEU A 233 -5.78 -0.84 5.08
CA LEU A 233 -4.58 -1.54 4.67
C LEU A 233 -4.80 -3.05 4.62
N LEU A 234 -4.46 -3.66 3.48
CA LEU A 234 -4.47 -5.10 3.34
C LEU A 234 -3.03 -5.59 3.42
N VAL A 235 -2.72 -6.36 4.45
CA VAL A 235 -1.37 -6.87 4.66
C VAL A 235 -1.34 -8.35 4.28
N SER A 236 -0.89 -8.63 3.06
CA SER A 236 -0.78 -10.03 2.60
C SER A 236 0.64 -10.50 2.88
N PHE A 237 0.79 -11.44 3.81
CA PHE A 237 2.12 -11.93 4.22
C PHE A 237 2.25 -13.45 4.13
N GLY A 238 1.45 -14.06 3.27
CA GLY A 238 1.40 -15.51 3.14
C GLY A 238 0.53 -15.92 1.96
N ASN A 239 0.81 -17.10 1.40
CA ASN A 239 0.10 -17.61 0.23
C ASN A 239 -0.47 -19.01 0.46
N ALA A 240 -0.99 -19.26 1.67
CA ALA A 240 -1.48 -20.58 2.05
C ALA A 240 -2.36 -21.21 0.97
N SER A 241 -3.30 -20.44 0.44
CA SER A 241 -4.23 -20.90 -0.60
C SER A 241 -3.76 -20.53 -2.02
N GLY A 242 -2.45 -20.43 -2.22
CA GLY A 242 -1.91 -19.98 -3.50
C GLY A 242 -1.72 -18.47 -3.54
N PRO A 243 -0.94 -17.98 -4.50
CA PRO A 243 -0.55 -16.57 -4.56
C PRO A 243 -1.68 -15.64 -5.01
N VAL A 244 -1.42 -14.34 -4.92
CA VAL A 244 -2.37 -13.32 -5.37
C VAL A 244 -1.83 -12.67 -6.63
N LYS A 245 -2.20 -13.23 -7.79
CA LYS A 245 -1.75 -12.74 -9.09
C LYS A 245 -2.90 -12.01 -9.76
N ASP A 246 -2.60 -11.41 -10.91
CA ASP A 246 -3.59 -10.89 -11.85
C ASP A 246 -4.48 -9.82 -11.22
N VAL A 247 -3.85 -8.90 -10.50
CA VAL A 247 -4.53 -7.83 -9.78
C VAL A 247 -4.52 -6.54 -10.61
N ASP A 248 -5.70 -5.98 -10.83
CA ASP A 248 -5.83 -4.63 -11.39
C ASP A 248 -5.79 -3.66 -10.21
N LEU A 249 -4.79 -2.79 -10.17
CA LEU A 249 -4.72 -1.75 -9.14
C LEU A 249 -6.07 -1.09 -8.92
N GLY A 250 -6.80 -0.82 -10.01
CA GLY A 250 -8.12 -0.20 -9.95
C GLY A 250 -9.06 -0.76 -8.89
N ILE A 251 -8.91 -2.04 -8.56
CA ILE A 251 -9.72 -2.67 -7.51
C ILE A 251 -9.45 -2.02 -6.15
N LEU A 252 -8.23 -1.53 -5.93
CA LEU A 252 -7.91 -0.81 -4.70
C LEU A 252 -8.69 0.50 -4.61
N ASN A 253 -8.92 1.13 -5.76
CA ASN A 253 -9.80 2.29 -5.82
C ASN A 253 -11.27 1.96 -5.57
N GLN A 254 -11.81 0.97 -6.30
CA GLN A 254 -13.23 0.57 -6.14
C GLN A 254 -13.59 0.29 -4.68
N LYS A 255 -12.69 -0.39 -3.98
CA LYS A 255 -12.93 -0.82 -2.61
C LYS A 255 -12.68 0.27 -1.57
N GLY A 256 -12.28 1.47 -2.00
CA GLY A 256 -12.24 2.64 -1.12
C GLY A 256 -10.86 3.23 -0.91
N SER A 257 -10.09 3.35 -1.99
CA SER A 257 -8.73 3.88 -1.93
C SER A 257 -7.90 3.16 -0.89
N LEU A 258 -7.89 1.84 -1.00
CA LEU A 258 -7.17 0.98 -0.06
C LEU A 258 -5.66 0.99 -0.30
N PHE A 259 -4.90 0.64 0.74
CA PHE A 259 -3.48 0.38 0.64
C PHE A 259 -3.30 -1.13 0.64
N VAL A 260 -2.24 -1.61 0.01
CA VAL A 260 -1.90 -3.02 0.10
C VAL A 260 -0.39 -3.17 0.11
N THR A 261 0.08 -4.11 0.91
CA THR A 261 1.51 -4.41 1.03
C THR A 261 1.71 -5.92 1.12
N ARG A 262 2.83 -6.38 0.56
CA ARG A 262 3.23 -7.78 0.66
C ARG A 262 4.57 -7.85 1.37
N PRO A 263 4.56 -7.75 2.70
CA PRO A 263 5.79 -7.76 3.49
C PRO A 263 6.30 -9.16 3.76
N SER A 264 7.59 -9.25 4.10
CA SER A 264 8.18 -10.49 4.58
C SER A 264 9.08 -10.18 5.74
N LEU A 265 9.40 -11.20 6.51
CA LEU A 265 10.30 -11.07 7.65
C LEU A 265 11.63 -10.45 7.24
N ASN A 266 12.22 -10.95 6.17
CA ASN A 266 13.49 -10.40 5.66
C ASN A 266 13.37 -8.93 5.25
N GLY A 267 12.18 -8.54 4.82
CA GLY A 267 11.87 -7.15 4.50
C GLY A 267 11.86 -6.19 5.68
N TYR A 268 11.69 -6.71 6.91
CA TYR A 268 11.60 -5.85 8.10
C TYR A 268 12.74 -6.05 9.12
N ILE A 269 13.35 -7.23 9.16
CA ILE A 269 14.51 -7.47 10.03
C ILE A 269 15.74 -7.70 9.17
N THR A 270 16.62 -6.70 9.11
CA THR A 270 17.79 -6.70 8.23
C THR A 270 19.13 -6.51 8.94
N THR A 271 19.12 -5.97 10.15
CA THR A 271 20.33 -5.76 10.96
C THR A 271 20.18 -6.46 12.31
N GLN A 272 21.24 -6.49 13.10
CA GLN A 272 21.12 -7.12 14.42
C GLN A 272 20.43 -6.20 15.43
N GLU A 273 20.45 -4.89 15.20
CA GLU A 273 19.69 -3.95 16.05
C GLU A 273 18.20 -4.22 15.90
N GLU A 274 17.76 -4.36 14.66
CA GLU A 274 16.37 -4.65 14.36
C GLU A 274 15.93 -5.99 14.97
N LEU A 275 16.79 -7.00 14.86
CA LEU A 275 16.51 -8.31 15.46
C LEU A 275 16.54 -8.26 16.98
N ALA A 276 17.51 -7.55 17.53
CA ALA A 276 17.60 -7.38 18.96
C ALA A 276 16.30 -6.79 19.51
N ALA A 277 15.93 -5.64 18.93
CA ALA A 277 14.75 -4.87 19.37
C ALA A 277 13.47 -5.69 19.30
N ALA A 278 13.27 -6.36 18.17
CA ALA A 278 12.07 -7.19 17.97
C ALA A 278 12.07 -8.41 18.89
N SER A 279 13.23 -9.06 19.03
CA SER A 279 13.38 -10.21 19.93
C SER A 279 13.10 -9.83 21.38
N GLU A 280 13.63 -8.67 21.80
CA GLU A 280 13.42 -8.17 23.15
C GLU A 280 11.92 -8.08 23.46
N GLU A 281 11.15 -7.51 22.55
CA GLU A 281 9.69 -7.43 22.67
C GLU A 281 9.04 -8.80 22.74
N LEU A 282 9.47 -9.70 21.86
CA LEU A 282 8.89 -11.04 21.81
C LEU A 282 9.14 -11.79 23.11
N PHE A 283 10.41 -11.84 23.52
CA PHE A 283 10.80 -12.56 24.74
C PHE A 283 10.17 -11.90 25.96
N SER A 284 10.20 -10.58 26.00
CA SER A 284 9.52 -9.79 27.02
C SER A 284 8.09 -10.28 27.25
N LEU A 285 7.34 -10.45 26.16
CA LEU A 285 5.94 -10.86 26.25
C LEU A 285 5.74 -12.34 26.54
N ILE A 286 6.69 -13.19 26.11
CA ILE A 286 6.65 -14.61 26.45
C ILE A 286 6.99 -14.81 27.94
N ALA A 287 7.97 -14.05 28.41
CA ALA A 287 8.43 -14.08 29.80
C ALA A 287 7.31 -13.69 30.77
N SER A 288 6.62 -12.58 30.48
CA SER A 288 5.52 -12.10 31.32
C SER A 288 4.21 -12.87 31.09
N ASP A 289 4.30 -14.04 30.45
CA ASP A 289 3.14 -14.89 30.13
C ASP A 289 2.00 -14.24 29.36
N ALA A 290 2.25 -13.06 28.78
CA ALA A 290 1.30 -12.39 27.90
C ALA A 290 1.12 -13.20 26.63
N ILE A 291 2.22 -13.78 26.13
CA ILE A 291 2.19 -14.72 25.03
C ILE A 291 2.71 -16.07 25.52
N LYS A 292 1.81 -17.05 25.64
CA LYS A 292 2.17 -18.41 26.03
C LYS A 292 2.37 -19.25 24.78
N VAL A 293 3.43 -20.04 24.75
CA VAL A 293 3.83 -20.77 23.54
C VAL A 293 3.91 -22.27 23.77
N ASP A 294 2.85 -22.97 23.42
CA ASP A 294 2.79 -24.44 23.56
C ASP A 294 2.95 -25.12 22.22
N VAL A 295 3.31 -26.39 22.27
CA VAL A 295 3.36 -27.24 21.09
C VAL A 295 2.79 -28.60 21.45
N LYS A 296 1.67 -28.96 20.81
CA LYS A 296 1.05 -30.28 20.98
C LYS A 296 2.08 -31.38 20.76
N ASP A 297 1.99 -32.45 21.53
CA ASP A 297 2.96 -33.55 21.43
C ASP A 297 2.85 -34.26 20.09
N ALA A 298 1.66 -34.27 19.50
CA ALA A 298 1.44 -34.87 18.19
C ALA A 298 2.18 -34.14 17.06
N GLN A 299 2.50 -32.87 17.29
CA GLN A 299 3.22 -32.04 16.31
C GLN A 299 4.68 -31.79 16.68
N LYS A 300 5.26 -32.73 17.45
CA LYS A 300 6.70 -32.80 17.66
C LYS A 300 7.17 -34.06 16.95
N PHE A 301 7.79 -33.88 15.79
CA PHE A 301 8.26 -34.98 14.98
C PHE A 301 9.78 -35.06 15.10
N PRO A 302 10.34 -36.27 15.19
CA PRO A 302 11.80 -36.36 15.10
C PRO A 302 12.29 -35.81 13.77
N LEU A 303 13.55 -35.36 13.74
CA LEU A 303 14.13 -34.83 12.51
C LEU A 303 14.06 -35.89 11.40
N SER A 304 14.33 -37.15 11.76
CA SER A 304 14.19 -38.31 10.86
C SER A 304 12.84 -38.34 10.14
N GLN A 305 11.77 -38.02 10.86
CA GLN A 305 10.39 -38.06 10.33
C GLN A 305 9.96 -36.74 9.67
N ALA A 306 10.90 -36.01 9.07
CA ALA A 306 10.58 -34.70 8.50
C ALA A 306 9.50 -34.82 7.43
N ARG A 307 9.57 -35.90 6.67
CA ARG A 307 8.54 -36.20 5.70
C ARG A 307 7.17 -36.18 6.36
N ARG A 308 7.01 -37.07 7.33
CA ARG A 308 5.75 -37.21 8.06
C ARG A 308 5.25 -35.84 8.52
N ALA A 309 6.15 -35.05 9.11
CA ALA A 309 5.83 -33.71 9.61
C ALA A 309 5.28 -32.76 8.54
N HIS A 310 5.91 -32.78 7.36
CA HIS A 310 5.47 -31.94 6.25
C HIS A 310 4.09 -32.34 5.74
N GLU A 311 3.83 -33.65 5.67
CA GLU A 311 2.52 -34.15 5.26
C GLU A 311 1.43 -33.58 6.17
N THR A 312 1.68 -33.65 7.48
CA THR A 312 0.76 -33.09 8.47
C THR A 312 0.48 -31.61 8.25
N LEU A 313 1.53 -30.82 8.03
CA LEU A 313 1.39 -29.37 7.87
C LEU A 313 0.53 -28.99 6.66
N GLU A 314 0.66 -29.75 5.56
CA GLU A 314 -0.06 -29.45 4.33
C GLU A 314 -1.55 -29.82 4.36
N SER A 315 -1.90 -30.84 5.16
CA SER A 315 -3.30 -31.24 5.33
C SER A 315 -4.10 -30.25 6.21
N ARG A 316 -3.41 -29.27 6.81
CA ARG A 316 -4.03 -28.25 7.67
C ARG A 316 -4.74 -28.81 8.92
N ALA A 317 -4.39 -30.03 9.33
CA ALA A 317 -4.97 -30.66 10.52
C ALA A 317 -4.38 -30.07 11.81
N THR A 318 -3.24 -29.38 11.70
CA THR A 318 -2.54 -28.83 12.85
C THR A 318 -3.15 -27.54 13.39
N THR A 319 -2.88 -27.29 14.67
CA THR A 319 -3.14 -26.01 15.31
C THR A 319 -1.85 -25.58 16.01
N GLY A 320 -1.53 -24.28 15.96
CA GLY A 320 -0.30 -23.77 16.54
C GLY A 320 0.94 -24.23 15.79
N SER A 321 2.10 -24.04 16.43
CA SER A 321 3.37 -24.35 15.79
C SER A 321 3.67 -25.84 15.79
N SER A 322 4.53 -26.26 14.86
CA SER A 322 5.09 -27.62 14.86
C SER A 322 6.60 -27.56 15.04
N LEU A 323 7.20 -28.71 15.38
CA LEU A 323 8.64 -28.78 15.66
C LEU A 323 9.26 -30.06 15.14
N LEU A 324 10.51 -29.96 14.71
CA LEU A 324 11.34 -31.13 14.45
C LEU A 324 12.38 -31.21 15.56
N ILE A 325 12.52 -32.39 16.16
CA ILE A 325 13.50 -32.58 17.23
C ILE A 325 14.71 -33.34 16.67
N PRO A 326 15.88 -32.66 16.59
CA PRO A 326 17.08 -33.33 16.09
C PRO A 326 17.60 -34.42 17.05
N MET B 1 -32.19 30.36 -21.97
CA MET B 1 -31.33 29.40 -22.74
C MET B 1 -29.85 29.74 -22.64
N ALA B 2 -29.01 28.72 -22.47
CA ALA B 2 -27.56 28.89 -22.35
C ALA B 2 -26.81 27.85 -23.18
N LYS B 3 -25.48 27.91 -23.15
CA LYS B 3 -24.62 27.04 -23.97
C LYS B 3 -23.88 26.00 -23.15
N ARG B 4 -23.75 24.79 -23.69
CA ARG B 4 -22.90 23.75 -23.09
C ARG B 4 -22.25 22.87 -24.15
N ILE B 5 -21.13 22.26 -23.76
CA ILE B 5 -20.50 21.24 -24.59
C ILE B 5 -21.05 19.89 -24.16
N GLN B 6 -21.39 19.07 -25.14
CA GLN B 6 -21.75 17.68 -24.91
C GLN B 6 -21.21 16.82 -26.03
N PHE B 7 -21.34 15.50 -25.90
CA PHE B 7 -20.98 14.57 -26.96
C PHE B 7 -22.02 13.45 -27.00
N SER B 8 -22.50 13.14 -28.20
CA SER B 8 -23.56 12.16 -28.38
C SER B 8 -23.00 10.75 -28.52
N ALA B 9 -21.79 10.64 -29.07
CA ALA B 9 -21.06 9.37 -29.14
C ALA B 9 -19.59 9.57 -28.79
N THR B 10 -18.97 8.53 -28.24
CA THR B 10 -17.57 8.60 -27.84
C THR B 10 -16.66 8.62 -29.06
N GLY B 11 -15.48 9.21 -28.90
CA GLY B 11 -14.49 9.26 -29.97
C GLY B 11 -13.37 10.22 -29.66
N GLY B 12 -12.89 10.91 -30.70
CA GLY B 12 -11.88 11.94 -30.55
C GLY B 12 -12.52 13.30 -30.35
N PRO B 13 -11.69 14.36 -30.33
CA PRO B 13 -12.14 15.75 -30.17
C PRO B 13 -13.30 16.19 -31.08
N GLU B 14 -13.37 15.61 -32.28
CA GLU B 14 -14.43 15.93 -33.25
C GLU B 14 -15.86 15.61 -32.78
N VAL B 15 -16.02 14.77 -31.75
CA VAL B 15 -17.36 14.40 -31.27
C VAL B 15 -18.02 15.47 -30.38
N LEU B 16 -17.26 16.51 -29.99
CA LEU B 16 -17.76 17.55 -29.09
C LEU B 16 -18.77 18.46 -29.78
N GLU B 17 -19.96 18.53 -29.20
CA GLU B 17 -21.04 19.34 -29.72
C GLU B 17 -21.27 20.54 -28.80
N TYR B 18 -21.47 21.71 -29.40
CA TYR B 18 -21.70 22.95 -28.68
C TYR B 18 -23.15 23.38 -28.91
N VAL B 19 -23.99 23.17 -27.91
CA VAL B 19 -25.44 23.28 -28.07
C VAL B 19 -26.11 24.19 -27.05
N ASP B 20 -27.37 24.53 -27.33
CA ASP B 20 -28.23 25.23 -26.39
C ASP B 20 -28.86 24.27 -25.40
N PHE B 21 -29.18 24.79 -24.23
CA PHE B 21 -29.95 24.06 -23.23
C PHE B 21 -30.61 25.04 -22.29
N GLU B 22 -31.67 24.59 -21.64
CA GLU B 22 -32.39 25.37 -20.64
C GLU B 22 -31.82 25.03 -19.26
N PRO B 23 -31.16 26.00 -18.60
CA PRO B 23 -30.63 25.70 -17.27
C PRO B 23 -31.75 25.54 -16.25
N LYS B 24 -31.75 24.41 -15.54
CA LYS B 24 -32.81 24.09 -14.60
C LYS B 24 -32.52 24.66 -13.21
N ASP B 25 -33.58 25.09 -12.52
CA ASP B 25 -33.45 25.56 -11.13
C ASP B 25 -32.83 24.48 -10.23
N PRO B 26 -31.93 24.90 -9.32
CA PRO B 26 -31.21 23.95 -8.50
C PRO B 26 -32.10 23.15 -7.55
N ALA B 27 -31.76 21.87 -7.37
CA ALA B 27 -32.47 20.99 -6.45
C ALA B 27 -32.16 21.36 -5.01
N ALA B 28 -32.76 20.65 -4.06
CA ALA B 28 -32.69 21.03 -2.63
C ALA B 28 -31.27 21.19 -2.09
N GLY B 29 -30.35 20.33 -2.52
CA GLY B 29 -28.97 20.38 -2.03
C GLY B 29 -28.06 21.37 -2.72
N GLU B 30 -28.52 21.91 -3.86
CA GLU B 30 -27.64 22.47 -4.87
C GLU B 30 -27.61 24.00 -4.95
N VAL B 31 -26.60 24.49 -5.66
CA VAL B 31 -26.51 25.90 -6.04
C VAL B 31 -26.22 25.93 -7.52
N GLN B 32 -26.74 26.94 -8.20
CA GLN B 32 -26.50 27.12 -9.62
C GLN B 32 -25.38 28.12 -9.80
N VAL B 33 -24.34 27.72 -10.51
CA VAL B 33 -23.18 28.56 -10.77
C VAL B 33 -23.16 29.02 -12.22
N GLU B 34 -23.19 30.33 -12.42
CA GLU B 34 -22.91 30.91 -13.72
C GLU B 34 -21.41 30.84 -13.89
N ASN B 35 -20.94 29.80 -14.59
CA ASN B 35 -19.51 29.58 -14.76
C ASN B 35 -18.87 30.75 -15.50
N LYS B 36 -17.71 31.18 -14.99
CA LYS B 36 -16.90 32.21 -15.62
C LYS B 36 -15.59 31.66 -16.18
N ALA B 37 -15.05 30.61 -15.56
CA ALA B 37 -13.87 29.93 -16.06
C ALA B 37 -13.96 28.45 -15.73
N ILE B 38 -13.58 27.61 -16.69
CA ILE B 38 -13.82 26.17 -16.62
C ILE B 38 -12.51 25.41 -16.72
N GLY B 39 -12.33 24.43 -15.85
CA GLY B 39 -11.12 23.63 -15.82
C GLY B 39 -11.10 22.56 -16.89
N ILE B 40 -9.91 22.27 -17.39
CA ILE B 40 -9.69 21.22 -18.38
C ILE B 40 -8.77 20.18 -17.78
N ASN B 41 -9.29 18.96 -17.64
CA ASN B 41 -8.57 17.85 -17.02
C ASN B 41 -8.50 16.67 -17.97
N TYR B 42 -7.40 15.92 -17.91
CA TYR B 42 -7.20 14.76 -18.78
C TYR B 42 -8.38 13.80 -18.75
N ILE B 43 -9.00 13.65 -17.57
CA ILE B 43 -10.17 12.78 -17.40
C ILE B 43 -11.33 13.19 -18.31
N ASP B 44 -11.41 14.46 -18.68
CA ASP B 44 -12.38 14.93 -19.65
C ASP B 44 -12.19 14.22 -21.00
N THR B 45 -10.94 14.06 -21.41
CA THR B 45 -10.61 13.38 -22.67
C THR B 45 -10.89 11.88 -22.60
N TYR B 46 -10.62 11.27 -21.45
CA TYR B 46 -10.87 9.84 -21.27
C TYR B 46 -12.37 9.52 -21.34
N VAL B 47 -13.19 10.34 -20.67
CA VAL B 47 -14.64 10.19 -20.70
C VAL B 47 -15.16 10.36 -22.11
N ARG B 48 -14.67 11.39 -22.78
CA ARG B 48 -15.08 11.69 -24.15
C ARG B 48 -14.73 10.58 -25.13
N SER B 49 -13.65 9.87 -24.88
CA SER B 49 -13.21 8.78 -25.76
C SER B 49 -13.77 7.42 -25.38
N GLY B 50 -14.47 7.32 -24.26
CA GLY B 50 -15.09 6.07 -23.85
C GLY B 50 -14.19 5.17 -23.00
N LEU B 51 -13.01 5.65 -22.63
CA LEU B 51 -12.15 4.92 -21.67
C LEU B 51 -12.85 4.79 -20.32
N TYR B 52 -13.65 5.80 -19.97
CA TYR B 52 -14.56 5.73 -18.83
C TYR B 52 -16.00 5.73 -19.33
N PRO B 53 -16.78 4.69 -18.95
CA PRO B 53 -18.16 4.64 -19.43
C PRO B 53 -18.99 5.77 -18.81
N ALA B 54 -19.74 6.47 -19.64
CA ALA B 54 -20.58 7.56 -19.20
C ALA B 54 -21.85 7.60 -20.04
N PRO B 55 -22.99 7.91 -19.41
CA PRO B 55 -24.25 7.85 -20.13
C PRO B 55 -24.29 8.87 -21.25
N LEU B 56 -24.86 8.53 -22.40
CA LEU B 56 -24.92 9.44 -23.54
C LEU B 56 -26.35 9.88 -23.83
N PRO B 57 -26.54 11.12 -24.32
CA PRO B 57 -25.48 12.11 -24.47
C PRO B 57 -25.05 12.62 -23.09
N SER B 58 -23.78 12.98 -22.96
CA SER B 58 -23.24 13.45 -21.68
C SER B 58 -22.64 14.85 -21.78
N GLY B 59 -22.64 15.55 -20.65
CA GLY B 59 -21.84 16.75 -20.51
C GLY B 59 -20.40 16.36 -20.32
N LEU B 60 -19.57 17.32 -19.94
CA LEU B 60 -18.15 17.06 -19.74
C LEU B 60 -17.56 18.02 -18.73
N GLY B 61 -16.52 17.58 -18.03
CA GLY B 61 -15.87 18.39 -17.01
C GLY B 61 -16.58 18.34 -15.67
N SER B 62 -15.81 18.38 -14.59
CA SER B 62 -16.36 18.52 -13.24
C SER B 62 -15.78 19.73 -12.49
N GLU B 63 -14.90 20.49 -13.13
CA GLU B 63 -14.18 21.59 -12.49
C GLU B 63 -14.52 22.90 -13.19
N ALA B 64 -14.96 23.88 -12.40
CA ALA B 64 -15.17 25.24 -12.91
C ALA B 64 -15.40 26.21 -11.76
N ALA B 65 -15.28 27.49 -12.07
CA ALA B 65 -15.48 28.57 -11.10
C ALA B 65 -16.33 29.65 -11.72
N GLY B 66 -17.18 30.27 -10.89
CA GLY B 66 -18.01 31.38 -11.34
C GLY B 66 -18.86 31.96 -10.22
N VAL B 67 -19.94 32.64 -10.62
CA VAL B 67 -20.83 33.34 -9.71
C VAL B 67 -22.11 32.54 -9.46
N VAL B 68 -22.49 32.42 -8.20
CA VAL B 68 -23.71 31.71 -7.83
C VAL B 68 -24.92 32.57 -8.21
N THR B 69 -25.79 32.03 -9.05
CA THR B 69 -26.99 32.77 -9.50
C THR B 69 -28.23 32.41 -8.70
N LYS B 70 -28.45 31.12 -8.45
CA LYS B 70 -29.61 30.65 -7.68
C LYS B 70 -29.18 29.63 -6.64
N VAL B 71 -30.03 29.41 -5.63
CA VAL B 71 -29.71 28.52 -4.52
C VAL B 71 -30.91 27.63 -4.19
N GLY B 72 -30.63 26.36 -3.89
CA GLY B 72 -31.68 25.37 -3.61
C GLY B 72 -32.17 25.42 -2.19
N THR B 73 -33.22 24.64 -1.91
CA THR B 73 -33.95 24.69 -0.64
C THR B 73 -33.07 24.61 0.62
N GLY B 74 -32.13 23.68 0.66
CA GLY B 74 -31.43 23.37 1.91
C GLY B 74 -30.13 24.11 2.21
N VAL B 75 -29.79 25.11 1.40
CA VAL B 75 -28.44 25.68 1.41
C VAL B 75 -28.30 26.94 2.28
N SER B 76 -27.48 26.84 3.32
CA SER B 76 -27.21 27.96 4.23
C SER B 76 -25.86 28.63 3.94
N HIS B 77 -24.80 27.83 3.98
CA HIS B 77 -23.43 28.35 3.92
C HIS B 77 -23.01 29.02 2.60
N ILE B 78 -23.85 28.98 1.56
CA ILE B 78 -23.59 29.70 0.30
C ILE B 78 -24.82 30.49 -0.13
N LYS B 79 -24.59 31.73 -0.58
CA LYS B 79 -25.70 32.60 -0.98
C LYS B 79 -25.54 33.15 -2.39
N VAL B 80 -26.63 33.66 -2.94
CA VAL B 80 -26.64 34.20 -4.31
C VAL B 80 -25.57 35.26 -4.42
N GLY B 81 -24.87 35.29 -5.55
CA GLY B 81 -23.80 36.27 -5.77
C GLY B 81 -22.41 35.86 -5.29
N ASP B 82 -22.31 34.81 -4.48
CA ASP B 82 -21.01 34.31 -4.02
C ASP B 82 -20.14 33.88 -5.21
N ARG B 83 -18.85 34.20 -5.14
CA ARG B 83 -17.88 33.72 -6.13
C ARG B 83 -17.37 32.38 -5.64
N VAL B 84 -17.51 31.34 -6.45
CA VAL B 84 -17.21 29.97 -6.01
C VAL B 84 -16.40 29.16 -7.00
N VAL B 85 -15.87 28.04 -6.53
CA VAL B 85 -15.22 27.06 -7.39
C VAL B 85 -15.60 25.66 -6.93
N TYR B 86 -15.71 24.73 -7.88
CA TYR B 86 -15.97 23.32 -7.56
C TYR B 86 -15.08 22.43 -8.42
N ALA B 87 -14.81 21.23 -7.93
CA ALA B 87 -13.98 20.25 -8.64
C ALA B 87 -14.64 18.89 -8.88
N GLN B 88 -15.83 18.68 -8.32
CA GLN B 88 -16.45 17.37 -8.28
C GLN B 88 -17.93 17.39 -8.66
N SER B 89 -18.31 18.28 -9.58
CA SER B 89 -19.71 18.33 -10.02
C SER B 89 -20.00 17.11 -10.88
N SER B 90 -21.28 16.86 -11.12
CA SER B 90 -21.66 15.90 -12.15
C SER B 90 -21.07 16.40 -13.47
N LEU B 91 -20.85 15.48 -14.40
CA LEU B 91 -20.32 15.84 -15.72
C LEU B 91 -21.18 16.94 -16.34
N GLY B 92 -20.55 18.04 -16.73
CA GLY B 92 -21.27 19.21 -17.24
C GLY B 92 -20.70 20.58 -16.90
N ALA B 93 -19.53 20.63 -16.30
CA ALA B 93 -18.86 21.89 -15.99
C ALA B 93 -18.56 22.68 -17.27
N TYR B 94 -18.40 21.97 -18.39
CA TYR B 94 -18.27 22.59 -19.71
C TYR B 94 -19.62 23.24 -20.09
N SER B 95 -19.94 24.36 -19.46
CA SER B 95 -21.24 24.99 -19.64
C SER B 95 -21.22 26.40 -19.06
N GLU B 96 -22.14 27.24 -19.53
CA GLU B 96 -22.31 28.59 -19.02
C GLU B 96 -23.00 28.56 -17.65
N TYR B 97 -23.78 27.50 -17.41
CA TYR B 97 -24.44 27.28 -16.13
C TYR B 97 -24.38 25.79 -15.77
N HIS B 98 -24.18 25.50 -14.49
CA HIS B 98 -24.17 24.13 -14.00
C HIS B 98 -24.53 24.11 -12.53
N ASN B 99 -25.49 23.27 -12.17
CA ASN B 99 -25.89 23.07 -10.79
C ASN B 99 -24.92 22.11 -10.13
N VAL B 100 -24.56 22.40 -8.89
CA VAL B 100 -23.62 21.59 -8.12
C VAL B 100 -24.11 21.51 -6.68
N PRO B 101 -24.02 20.32 -6.05
CA PRO B 101 -24.34 20.26 -4.64
C PRO B 101 -23.50 21.23 -3.82
N ALA B 102 -24.15 21.98 -2.93
CA ALA B 102 -23.51 23.04 -2.15
C ALA B 102 -22.36 22.52 -1.32
N GLN B 103 -22.47 21.26 -0.88
CA GLN B 103 -21.42 20.62 -0.10
C GLN B 103 -20.12 20.44 -0.87
N LYS B 104 -20.23 20.37 -2.21
CA LYS B 104 -19.06 20.16 -3.07
C LYS B 104 -18.58 21.47 -3.74
N VAL B 105 -18.86 22.60 -3.08
CA VAL B 105 -18.52 23.91 -3.60
C VAL B 105 -17.81 24.73 -2.52
N ALA B 106 -16.71 25.39 -2.90
CA ALA B 106 -15.95 26.24 -1.99
C ALA B 106 -16.04 27.72 -2.38
N VAL B 107 -16.30 28.57 -1.39
CA VAL B 107 -16.28 30.01 -1.60
C VAL B 107 -14.85 30.48 -1.77
N LEU B 108 -14.63 31.29 -2.81
CA LEU B 108 -13.31 31.85 -3.09
C LEU B 108 -12.99 33.04 -2.20
N PRO B 109 -11.72 33.17 -1.77
CA PRO B 109 -11.20 34.44 -1.27
C PRO B 109 -11.24 35.51 -2.35
N GLU B 110 -11.12 36.78 -1.95
CA GLU B 110 -11.14 37.86 -2.93
C GLU B 110 -9.92 37.85 -3.84
N GLY B 111 -8.77 37.43 -3.30
CA GLY B 111 -7.52 37.39 -4.05
C GLY B 111 -7.47 36.46 -5.25
N ILE B 112 -8.20 35.35 -5.18
CA ILE B 112 -8.19 34.33 -6.23
C ILE B 112 -9.30 34.57 -7.24
N SER B 113 -8.91 34.80 -8.51
CA SER B 113 -9.85 35.05 -9.59
C SER B 113 -10.48 33.74 -10.08
N PHE B 114 -11.49 33.88 -10.94
CA PHE B 114 -12.20 32.71 -11.47
C PHE B 114 -11.25 31.83 -12.29
N GLU B 115 -10.31 32.46 -13.01
CA GLU B 115 -9.43 31.73 -13.93
C GLU B 115 -8.38 30.96 -13.17
N GLN B 116 -7.90 31.54 -12.07
CA GLN B 116 -6.94 30.86 -11.20
C GLN B 116 -7.58 29.66 -10.53
N ALA B 117 -8.83 29.82 -10.10
CA ALA B 117 -9.55 28.78 -9.39
C ALA B 117 -9.73 27.56 -10.30
N ALA B 118 -10.21 27.80 -11.52
CA ALA B 118 -10.47 26.72 -12.48
C ALA B 118 -9.19 26.09 -13.02
N ALA B 119 -8.09 26.81 -12.93
CA ALA B 119 -6.79 26.25 -13.27
C ALA B 119 -6.32 25.32 -12.16
N SER B 120 -6.56 25.72 -10.92
CA SER B 120 -5.83 25.18 -9.77
C SER B 120 -6.61 24.32 -8.79
N PHE B 121 -7.93 24.25 -8.92
CA PHE B 121 -8.74 23.70 -7.82
C PHE B 121 -8.71 22.17 -7.76
N LEU B 122 -9.21 21.50 -8.80
CA LEU B 122 -9.18 20.04 -8.86
C LEU B 122 -7.75 19.52 -8.77
N LYS B 123 -6.85 20.15 -9.52
CA LYS B 123 -5.47 19.75 -9.54
C LYS B 123 -4.79 20.05 -8.20
N GLY B 124 -5.18 21.16 -7.57
CA GLY B 124 -4.66 21.56 -6.26
C GLY B 124 -5.20 20.72 -5.12
N LEU B 125 -6.49 20.38 -5.17
CA LEU B 125 -7.09 19.43 -4.24
C LEU B 125 -6.46 18.05 -4.35
N THR B 126 -6.14 17.67 -5.59
CA THR B 126 -5.48 16.40 -5.83
C THR B 126 -4.10 16.39 -5.15
N VAL B 127 -3.33 17.46 -5.35
CA VAL B 127 -2.03 17.57 -4.73
C VAL B 127 -2.13 17.53 -3.22
N GLN B 128 -3.14 18.19 -2.65
CA GLN B 128 -3.24 18.27 -1.19
C GLN B 128 -3.46 16.89 -0.56
N TYR B 129 -4.34 16.08 -1.12
CA TYR B 129 -4.60 14.76 -0.53
C TYR B 129 -3.40 13.83 -0.71
N LEU B 130 -2.76 13.92 -1.87
CA LEU B 130 -1.55 13.15 -2.13
C LEU B 130 -0.43 13.46 -1.11
N PHE B 131 -0.23 14.74 -0.84
CA PHE B 131 0.89 15.23 -0.03
C PHE B 131 0.59 15.32 1.46
N ARG B 132 -0.68 15.43 1.83
CA ARG B 132 -1.06 15.66 3.23
C ARG B 132 -1.88 14.51 3.83
N GLN B 133 -2.55 13.71 3.00
CA GLN B 133 -3.44 12.67 3.52
C GLN B 133 -2.98 11.26 3.20
N THR B 134 -2.79 10.97 1.91
CA THR B 134 -2.36 9.63 1.48
C THR B 134 -0.98 9.28 2.03
N HIS B 135 -0.10 10.27 2.04
CA HIS B 135 1.23 10.14 2.61
C HIS B 135 1.66 11.54 3.00
N LYS B 136 1.92 11.74 4.28
CA LYS B 136 2.23 13.06 4.81
C LYS B 136 3.71 13.38 4.57
N ILE B 137 3.95 14.20 3.55
CA ILE B 137 5.31 14.63 3.19
C ILE B 137 5.89 15.45 4.31
N LYS B 138 7.05 15.03 4.83
CA LYS B 138 7.76 15.74 5.90
C LYS B 138 8.81 16.65 5.26
N ALA B 139 9.20 17.69 5.99
CA ALA B 139 10.26 18.58 5.52
C ALA B 139 11.57 17.80 5.43
N GLY B 140 12.24 17.91 4.29
CA GLY B 140 13.49 17.21 4.07
C GLY B 140 13.35 15.97 3.19
N ASP B 141 12.12 15.51 2.96
CA ASP B 141 11.86 14.26 2.25
C ASP B 141 12.22 14.35 0.78
N ILE B 142 12.93 13.34 0.29
CA ILE B 142 13.14 13.17 -1.14
C ILE B 142 12.04 12.24 -1.64
N PHE B 143 11.38 12.61 -2.74
CA PHE B 143 10.37 11.75 -3.35
C PHE B 143 10.27 11.97 -4.86
N LEU B 144 9.66 11.00 -5.54
CA LEU B 144 9.54 11.03 -6.99
C LEU B 144 8.11 11.39 -7.38
N PHE B 145 7.97 12.29 -8.35
CA PHE B 145 6.66 12.70 -8.86
C PHE B 145 6.70 12.70 -10.37
N HIS B 146 6.01 11.75 -11.00
CA HIS B 146 5.94 11.68 -12.46
C HIS B 146 5.08 12.80 -13.05
N ALA B 147 5.46 13.26 -14.24
CA ALA B 147 4.74 14.32 -14.97
C ALA B 147 4.70 15.65 -14.19
N ALA B 148 5.89 16.14 -13.84
CA ALA B 148 6.04 17.35 -13.02
C ALA B 148 5.79 18.66 -13.78
N ALA B 149 5.74 18.59 -15.10
CA ALA B 149 5.48 19.77 -15.92
C ALA B 149 4.00 19.98 -16.18
N GLY B 150 3.19 18.96 -15.92
CA GLY B 150 1.74 19.06 -16.08
C GLY B 150 1.07 20.04 -15.12
N GLY B 151 -0.25 20.15 -15.22
CA GLY B 151 -1.01 21.02 -14.34
C GLY B 151 -0.91 20.58 -12.89
N VAL B 152 -1.01 19.28 -12.66
CA VAL B 152 -0.90 18.73 -11.31
C VAL B 152 0.54 18.83 -10.86
N GLY B 153 1.46 18.58 -11.79
CA GLY B 153 2.89 18.58 -11.50
C GLY B 153 3.46 19.89 -10.98
N LEU B 154 3.09 21.00 -11.61
CA LEU B 154 3.61 22.32 -11.23
C LEU B 154 3.06 22.78 -9.88
N ILE B 155 1.85 22.37 -9.54
CA ILE B 155 1.31 22.64 -8.22
C ILE B 155 2.06 21.77 -7.22
N ALA B 156 2.30 20.51 -7.59
CA ALA B 156 3.03 19.57 -6.74
C ALA B 156 4.43 20.06 -6.47
N SER B 157 5.10 20.55 -7.50
CA SER B 157 6.44 21.11 -7.34
C SER B 157 6.44 22.22 -6.29
N GLN B 158 5.56 23.21 -6.49
CA GLN B 158 5.49 24.37 -5.62
C GLN B 158 5.04 24.01 -4.21
N TRP B 159 4.15 23.02 -4.08
CA TRP B 159 3.69 22.59 -2.78
C TRP B 159 4.83 21.91 -2.03
N ALA B 160 5.51 20.98 -2.70
CA ALA B 160 6.68 20.31 -2.13
C ALA B 160 7.69 21.32 -1.57
N LYS B 161 7.98 22.36 -2.35
CA LYS B 161 8.89 23.43 -1.91
C LYS B 161 8.38 24.14 -0.66
N ALA B 162 7.09 24.42 -0.62
CA ALA B 162 6.46 25.07 0.52
C ALA B 162 6.55 24.21 1.78
N LEU B 163 6.47 22.88 1.60
CA LEU B 163 6.65 21.93 2.69
C LEU B 163 8.12 21.68 3.02
N GLY B 164 9.03 22.23 2.23
CA GLY B 164 10.47 22.05 2.43
C GLY B 164 10.93 20.65 2.08
N ALA B 165 10.33 20.10 1.02
CA ALA B 165 10.63 18.74 0.58
C ALA B 165 11.24 18.81 -0.82
N LYS B 166 11.83 17.70 -1.23
CA LYS B 166 12.63 17.64 -2.45
C LYS B 166 12.01 16.71 -3.49
N LEU B 167 11.24 17.31 -4.39
CA LEU B 167 10.51 16.58 -5.41
C LEU B 167 11.40 16.34 -6.60
N ILE B 168 11.65 15.07 -6.90
CA ILE B 168 12.26 14.69 -8.17
C ILE B 168 11.13 14.55 -9.17
N GLY B 169 11.22 15.27 -10.28
CA GLY B 169 10.12 15.34 -11.25
C GLY B 169 10.51 14.78 -12.60
N THR B 170 9.72 13.84 -13.12
CA THR B 170 9.98 13.31 -14.47
C THR B 170 9.24 14.19 -15.47
N VAL B 171 9.91 14.47 -16.58
CA VAL B 171 9.41 15.37 -17.61
C VAL B 171 9.84 14.86 -18.98
N GLY B 172 9.14 15.32 -20.02
CA GLY B 172 9.35 14.84 -21.38
C GLY B 172 10.20 15.72 -22.28
N SER B 173 10.80 16.77 -21.71
CA SER B 173 11.61 17.70 -22.50
C SER B 173 12.53 18.54 -21.63
N ASP B 174 13.50 19.17 -22.26
CA ASP B 174 14.41 20.08 -21.58
C ASP B 174 13.69 21.36 -21.16
N GLU B 175 12.73 21.80 -21.98
CA GLU B 175 11.93 22.99 -21.66
C GLU B 175 11.04 22.75 -20.43
N LYS B 176 10.37 21.60 -20.41
CA LYS B 176 9.56 21.18 -19.26
C LYS B 176 10.40 20.98 -17.99
N ALA B 177 11.65 20.55 -18.17
CA ALA B 177 12.58 20.38 -17.06
C ALA B 177 12.89 21.68 -16.35
N ALA B 178 13.18 22.73 -17.13
CA ALA B 178 13.49 24.04 -16.58
C ALA B 178 12.28 24.64 -15.85
N LEU B 179 11.09 24.38 -16.38
CA LEU B 179 9.85 24.92 -15.83
C LEU B 179 9.53 24.28 -14.49
N ALA B 180 9.72 22.97 -14.41
CA ALA B 180 9.54 22.24 -13.16
C ALA B 180 10.52 22.73 -12.10
N LYS B 181 11.78 22.97 -12.49
CA LYS B 181 12.76 23.53 -11.57
C LYS B 181 12.31 24.91 -11.09
N GLU B 182 11.97 25.79 -12.03
CA GLU B 182 11.42 27.11 -11.69
C GLU B 182 10.26 27.01 -10.69
N ALA B 183 9.42 25.99 -10.84
CA ALA B 183 8.29 25.77 -9.94
C ALA B 183 8.64 25.11 -8.60
N GLY B 184 9.93 24.95 -8.30
CA GLY B 184 10.39 24.48 -6.97
C GLY B 184 10.81 23.02 -6.87
N ALA B 185 10.83 22.32 -8.00
CA ALA B 185 11.26 20.92 -8.03
C ALA B 185 12.75 20.83 -7.74
N TRP B 186 13.10 20.04 -6.73
CA TRP B 186 14.50 19.90 -6.29
C TRP B 186 15.42 19.35 -7.38
N ALA B 187 14.94 18.37 -8.13
CA ALA B 187 15.71 17.77 -9.22
C ALA B 187 14.80 17.31 -10.34
N THR B 188 15.40 16.97 -11.48
CA THR B 188 14.65 16.66 -12.69
C THR B 188 15.21 15.45 -13.45
N ILE B 189 14.31 14.67 -14.05
CA ILE B 189 14.67 13.52 -14.88
C ILE B 189 13.90 13.59 -16.20
N ASN B 190 14.57 13.30 -17.31
CA ASN B 190 13.92 13.22 -18.61
C ASN B 190 13.50 11.78 -18.90
N TYR B 191 12.19 11.52 -18.91
CA TYR B 191 11.73 10.14 -19.08
C TYR B 191 11.82 9.60 -20.52
N GLN B 192 12.35 10.40 -21.45
CA GLN B 192 12.65 9.90 -22.80
C GLN B 192 14.14 9.62 -22.98
N THR B 193 14.99 10.41 -22.34
CA THR B 193 16.43 10.18 -22.35
C THR B 193 16.83 9.12 -21.32
N GLU B 194 16.39 9.32 -20.09
CA GLU B 194 17.03 8.71 -18.93
C GLU B 194 16.25 7.54 -18.35
N ASP B 195 16.96 6.68 -17.61
CA ASP B 195 16.35 5.64 -16.81
C ASP B 195 15.93 6.27 -15.49
N ILE B 196 14.64 6.18 -15.19
CA ILE B 196 14.06 6.85 -14.04
C ILE B 196 14.66 6.32 -12.72
N ALA B 197 14.55 5.01 -12.51
CA ALA B 197 15.01 4.39 -11.27
C ALA B 197 16.51 4.54 -11.05
N ALA B 198 17.27 4.50 -12.14
CA ALA B 198 18.73 4.67 -12.07
C ALA B 198 19.07 6.06 -11.57
N ARG B 199 18.45 7.05 -12.18
CA ARG B 199 18.64 8.44 -11.83
C ARG B 199 18.18 8.74 -10.40
N VAL B 200 17.11 8.08 -9.96
CA VAL B 200 16.65 8.23 -8.58
C VAL B 200 17.69 7.65 -7.62
N ALA B 201 18.28 6.52 -8.00
CA ALA B 201 19.35 5.91 -7.21
C ALA B 201 20.55 6.85 -7.12
N GLU B 202 20.92 7.43 -8.26
CA GLU B 202 22.02 8.40 -8.31
C GLU B 202 21.78 9.58 -7.38
N LEU B 203 20.63 10.24 -7.56
CA LEU B 203 20.30 11.46 -6.81
C LEU B 203 20.15 11.26 -5.30
N THR B 204 19.90 10.02 -4.87
CA THR B 204 19.77 9.71 -3.45
C THR B 204 20.97 8.93 -2.92
N GLN B 205 22.08 8.93 -3.66
CA GLN B 205 23.26 8.15 -3.30
C GLN B 205 22.89 6.76 -2.81
N GLY B 206 21.96 6.12 -3.53
CA GLY B 206 21.53 4.74 -3.27
C GLY B 206 20.42 4.56 -2.24
N GLU B 207 20.09 5.60 -1.49
CA GLU B 207 19.11 5.49 -0.40
C GLU B 207 17.66 5.34 -0.89
N LYS B 208 17.38 5.84 -2.09
CA LYS B 208 16.03 5.80 -2.70
C LYS B 208 15.01 6.66 -1.93
N VAL B 209 13.77 6.68 -2.41
CA VAL B 209 12.72 7.51 -1.81
C VAL B 209 11.63 6.70 -1.13
N SER B 210 11.01 7.28 -0.09
CA SER B 210 9.99 6.58 0.68
C SER B 210 8.60 6.63 0.04
N VAL B 211 8.42 7.45 -1.01
CA VAL B 211 7.16 7.53 -1.73
C VAL B 211 7.33 7.90 -3.19
N VAL B 212 6.44 7.39 -4.03
CA VAL B 212 6.36 7.77 -5.44
C VAL B 212 4.91 8.10 -5.80
N TYR B 213 4.74 9.23 -6.46
CA TYR B 213 3.44 9.63 -6.99
C TYR B 213 3.47 9.47 -8.51
N ASP B 214 2.65 8.53 -8.99
CA ASP B 214 2.75 8.02 -10.36
C ASP B 214 1.41 8.09 -11.08
N SER B 215 1.20 9.19 -11.81
CA SER B 215 0.00 9.39 -12.63
C SER B 215 0.13 8.82 -14.06
N VAL B 216 1.19 8.05 -14.31
CA VAL B 216 1.44 7.46 -15.63
C VAL B 216 1.01 5.99 -15.69
N GLY B 217 1.24 5.25 -14.60
CA GLY B 217 0.79 3.86 -14.51
C GLY B 217 1.69 2.90 -15.27
N LYS B 218 1.19 2.36 -16.37
CA LYS B 218 1.76 1.16 -17.03
C LYS B 218 3.24 1.28 -17.38
N SER B 219 3.60 2.32 -18.12
CA SER B 219 4.99 2.55 -18.51
C SER B 219 5.94 2.59 -17.34
N THR B 220 5.53 3.25 -16.27
CA THR B 220 6.42 3.58 -15.15
C THR B 220 6.24 2.70 -13.91
N TRP B 221 5.47 1.63 -14.03
CA TRP B 221 5.19 0.71 -12.90
C TRP B 221 6.48 0.14 -12.31
N LEU B 222 7.29 -0.48 -13.16
CA LEU B 222 8.56 -1.07 -12.72
C LEU B 222 9.52 0.03 -12.27
N ALA B 223 9.60 1.09 -13.08
CA ALA B 223 10.46 2.23 -12.76
C ALA B 223 10.16 2.79 -11.38
N SER B 224 8.87 2.99 -11.12
CA SER B 224 8.42 3.52 -9.83
C SER B 224 8.72 2.57 -8.68
N LEU B 225 8.53 1.27 -8.91
CA LEU B 225 8.86 0.25 -7.91
C LEU B 225 10.35 0.21 -7.59
N ASP B 226 11.17 0.31 -8.62
CA ASP B 226 12.62 0.32 -8.45
C ASP B 226 13.13 1.59 -7.78
N SER B 227 12.34 2.67 -7.85
CA SER B 227 12.71 3.94 -7.22
C SER B 227 12.46 3.98 -5.71
N LEU B 228 11.73 3.00 -5.17
CA LEU B 228 11.31 3.03 -3.75
C LEU B 228 12.25 2.30 -2.81
N LYS B 229 12.47 2.89 -1.65
CA LYS B 229 13.25 2.24 -0.59
C LYS B 229 12.41 1.20 0.14
N ARG B 230 13.06 0.48 1.04
CA ARG B 230 12.40 -0.52 1.87
C ARG B 230 11.19 0.11 2.56
N HIS B 231 10.06 -0.59 2.51
CA HIS B 231 8.77 -0.14 3.09
C HIS B 231 8.11 1.06 2.38
N GLY B 232 8.58 1.39 1.18
CA GLY B 232 8.14 2.58 0.47
C GLY B 232 6.73 2.47 -0.10
N LEU B 233 6.15 3.62 -0.41
CA LEU B 233 4.78 3.70 -0.90
C LEU B 233 4.73 4.11 -2.36
N LEU B 234 4.03 3.32 -3.17
CA LEU B 234 3.76 3.69 -4.55
C LEU B 234 2.33 4.21 -4.64
N VAL B 235 2.18 5.49 -4.96
CA VAL B 235 0.87 6.10 -5.05
C VAL B 235 0.50 6.27 -6.52
N SER B 236 -0.29 5.34 -7.03
CA SER B 236 -0.74 5.39 -8.41
C SER B 236 -2.09 6.10 -8.44
N PHE B 237 -2.13 7.31 -9.01
CA PHE B 237 -3.36 8.12 -9.03
C PHE B 237 -3.75 8.55 -10.45
N GLY B 238 -3.30 7.79 -11.44
CA GLY B 238 -3.51 8.16 -12.85
C GLY B 238 -3.05 7.05 -13.76
N ASN B 239 -3.65 6.97 -14.96
CA ASN B 239 -3.36 5.91 -15.93
C ASN B 239 -2.99 6.49 -17.29
N ALA B 240 -2.22 7.59 -17.30
CA ALA B 240 -1.88 8.28 -18.54
C ALA B 240 -1.42 7.33 -19.65
N SER B 241 -0.54 6.39 -19.30
CA SER B 241 -0.01 5.40 -20.26
C SER B 241 -0.75 4.07 -20.20
N GLY B 242 -2.04 4.11 -19.85
CA GLY B 242 -2.82 2.89 -19.67
C GLY B 242 -2.76 2.39 -18.23
N PRO B 243 -3.67 1.49 -17.86
CA PRO B 243 -3.81 1.04 -16.48
C PRO B 243 -2.71 0.08 -16.04
N VAL B 244 -2.69 -0.24 -14.74
CA VAL B 244 -1.74 -1.19 -14.18
C VAL B 244 -2.50 -2.47 -13.80
N LYS B 245 -2.53 -3.41 -14.75
CA LYS B 245 -3.15 -4.72 -14.54
C LYS B 245 -2.08 -5.77 -14.32
N ASP B 246 -2.53 -6.99 -14.05
CA ASP B 246 -1.68 -8.19 -14.09
C ASP B 246 -0.53 -8.10 -13.10
N VAL B 247 -0.85 -7.67 -11.88
CA VAL B 247 0.13 -7.48 -10.82
C VAL B 247 0.16 -8.68 -9.89
N ASP B 248 1.35 -9.26 -9.72
CA ASP B 248 1.59 -10.28 -8.70
C ASP B 248 2.01 -9.53 -7.46
N LEU B 249 1.23 -9.64 -6.38
CA LEU B 249 1.57 -8.98 -5.12
C LEU B 249 3.03 -9.24 -4.75
N GLY B 250 3.50 -10.46 -4.99
CA GLY B 250 4.89 -10.84 -4.72
C GLY B 250 5.94 -9.83 -5.15
N ILE B 251 5.66 -9.07 -6.21
CA ILE B 251 6.58 -8.02 -6.67
C ILE B 251 6.77 -6.94 -5.60
N LEU B 252 5.74 -6.70 -4.78
CA LEU B 252 5.83 -5.76 -3.68
C LEU B 252 6.83 -6.27 -2.62
N ASN B 253 6.89 -7.58 -2.44
CA ASN B 253 7.90 -8.19 -1.59
C ASN B 253 9.31 -8.11 -2.18
N GLN B 254 9.49 -8.52 -3.44
CA GLN B 254 10.81 -8.50 -4.09
C GLN B 254 11.47 -7.14 -4.00
N LYS B 255 10.67 -6.09 -4.20
CA LYS B 255 11.18 -4.73 -4.27
C LYS B 255 11.35 -4.08 -2.87
N GLY B 256 11.07 -4.81 -1.80
CA GLY B 256 11.41 -4.38 -0.44
C GLY B 256 10.22 -4.14 0.48
N SER B 257 9.25 -5.04 0.44
CA SER B 257 8.05 -4.95 1.27
C SER B 257 7.39 -3.59 1.12
N LEU B 258 7.13 -3.24 -0.13
CA LEU B 258 6.52 -1.98 -0.49
C LEU B 258 5.01 -1.96 -0.22
N PHE B 259 4.48 -0.75 -0.09
CA PHE B 259 3.05 -0.52 -0.04
C PHE B 259 2.63 0.04 -1.39
N VAL B 260 1.39 -0.19 -1.78
CA VAL B 260 0.85 0.46 -2.97
C VAL B 260 -0.61 0.82 -2.73
N THR B 261 -1.02 1.97 -3.25
CA THR B 261 -2.40 2.43 -3.14
C THR B 261 -2.83 3.10 -4.45
N ARG B 262 -4.11 2.96 -4.78
CA ARG B 262 -4.70 3.61 -5.94
C ARG B 262 -5.81 4.56 -5.47
N PRO B 263 -5.43 5.75 -4.98
CA PRO B 263 -6.38 6.73 -4.51
C PRO B 263 -7.02 7.56 -5.62
N SER B 264 -8.15 8.17 -5.32
CA SER B 264 -8.76 9.15 -6.23
C SER B 264 -9.26 10.33 -5.42
N LEU B 265 -9.50 11.45 -6.09
CA LEU B 265 -9.99 12.64 -5.43
C LEU B 265 -11.28 12.37 -4.67
N ASN B 266 -12.21 11.70 -5.33
CA ASN B 266 -13.48 11.33 -4.70
C ASN B 266 -13.29 10.41 -3.49
N GLY B 267 -12.23 9.61 -3.52
CA GLY B 267 -11.86 8.76 -2.39
C GLY B 267 -11.37 9.50 -1.15
N TYR B 268 -10.93 10.75 -1.29
CA TYR B 268 -10.39 11.51 -0.15
C TYR B 268 -11.17 12.77 0.22
N ILE B 269 -11.90 13.36 -0.72
CA ILE B 269 -12.82 14.46 -0.38
C ILE B 269 -14.28 13.98 -0.59
N THR B 270 -14.95 13.71 0.52
CA THR B 270 -16.30 13.12 0.51
C THR B 270 -17.36 13.95 1.25
N THR B 271 -16.94 14.85 2.14
CA THR B 271 -17.84 15.73 2.88
C THR B 271 -17.43 17.18 2.65
N GLN B 272 -18.23 18.12 3.13
CA GLN B 272 -17.87 19.52 2.95
C GLN B 272 -16.80 19.97 3.96
N GLU B 273 -16.69 19.28 5.09
CA GLU B 273 -15.60 19.56 6.04
C GLU B 273 -14.26 19.23 5.40
N GLU B 274 -14.20 18.07 4.76
CA GLU B 274 -12.98 17.64 4.09
C GLU B 274 -12.61 18.59 2.96
N LEU B 275 -13.61 19.03 2.19
CA LEU B 275 -13.39 20.01 1.12
C LEU B 275 -13.01 21.39 1.66
N ALA B 276 -13.68 21.81 2.72
CA ALA B 276 -13.36 23.08 3.36
C ALA B 276 -11.89 23.09 3.78
N ALA B 277 -11.51 22.08 4.56
CA ALA B 277 -10.14 21.97 5.11
C ALA B 277 -9.07 21.94 4.03
N ALA B 278 -9.29 21.13 3.00
CA ALA B 278 -8.36 21.02 1.89
C ALA B 278 -8.28 22.31 1.06
N SER B 279 -9.44 22.90 0.79
CA SER B 279 -9.52 24.17 0.08
C SER B 279 -8.83 25.29 0.84
N GLU B 280 -9.04 25.34 2.16
CA GLU B 280 -8.38 26.34 3.01
C GLU B 280 -6.87 26.31 2.82
N GLU B 281 -6.28 25.12 2.85
CA GLU B 281 -4.84 24.94 2.60
C GLU B 281 -4.43 25.38 1.21
N LEU B 282 -5.22 25.00 0.21
CA LEU B 282 -4.91 25.35 -1.17
C LEU B 282 -4.94 26.86 -1.37
N PHE B 283 -6.05 27.49 -0.97
CA PHE B 283 -6.23 28.94 -1.11
C PHE B 283 -5.17 29.69 -0.28
N SER B 284 -4.98 29.22 0.94
CA SER B 284 -3.93 29.73 1.82
C SER B 284 -2.58 29.84 1.09
N LEU B 285 -2.20 28.77 0.39
CA LEU B 285 -0.91 28.71 -0.30
C LEU B 285 -0.89 29.49 -1.61
N ILE B 286 -2.04 29.63 -2.28
CA ILE B 286 -2.13 30.48 -3.47
C ILE B 286 -2.06 31.94 -3.07
N ALA B 287 -2.74 32.28 -1.98
CA ALA B 287 -2.77 33.64 -1.45
C ALA B 287 -1.38 34.13 -1.05
N SER B 288 -0.62 33.30 -0.32
CA SER B 288 0.73 33.66 0.11
C SER B 288 1.78 33.47 -0.99
N ASP B 289 1.34 33.36 -2.24
CA ASP B 289 2.23 33.15 -3.40
C ASP B 289 3.19 31.95 -3.33
N ALA B 290 2.94 31.04 -2.39
CA ALA B 290 3.69 29.78 -2.30
C ALA B 290 3.37 28.91 -3.51
N ILE B 291 2.11 28.93 -3.92
CA ILE B 291 1.66 28.29 -5.16
C ILE B 291 1.10 29.38 -6.07
N LYS B 292 1.83 29.67 -7.14
CA LYS B 292 1.39 30.64 -8.14
C LYS B 292 0.71 29.90 -9.27
N VAL B 293 -0.43 30.43 -9.71
CA VAL B 293 -1.28 29.74 -10.70
C VAL B 293 -1.51 30.62 -11.93
N ASP B 294 -0.65 30.43 -12.93
CA ASP B 294 -0.77 31.12 -14.19
C ASP B 294 -1.32 30.17 -15.24
N VAL B 295 -1.89 30.76 -16.28
CA VAL B 295 -2.38 30.02 -17.44
C VAL B 295 -1.96 30.79 -18.68
N LYS B 296 -1.11 30.17 -19.49
CA LYS B 296 -0.66 30.77 -20.75
C LYS B 296 -1.88 31.14 -21.59
N ASP B 297 -1.77 32.25 -22.33
CA ASP B 297 -2.87 32.73 -23.16
C ASP B 297 -3.21 31.72 -24.27
N ALA B 298 -2.21 30.99 -24.74
CA ALA B 298 -2.42 29.96 -25.77
C ALA B 298 -3.30 28.80 -25.30
N GLN B 299 -3.38 28.58 -23.99
CA GLN B 299 -4.19 27.51 -23.39
C GLN B 299 -5.46 28.05 -22.71
N LYS B 300 -5.95 29.20 -23.18
CA LYS B 300 -7.28 29.70 -22.82
C LYS B 300 -8.13 29.66 -24.08
N PHE B 301 -9.01 28.68 -24.15
CA PHE B 301 -9.86 28.48 -25.31
C PHE B 301 -11.27 28.89 -24.96
N PRO B 302 -11.98 29.55 -25.89
CA PRO B 302 -13.41 29.78 -25.64
C PRO B 302 -14.14 28.45 -25.49
N LEU B 303 -15.28 28.46 -24.79
CA LEU B 303 -16.08 27.25 -24.62
C LEU B 303 -16.46 26.66 -25.99
N SER B 304 -16.82 27.55 -26.92
CA SER B 304 -17.11 27.18 -28.33
C SER B 304 -16.00 26.30 -28.95
N GLN B 305 -14.75 26.64 -28.66
CA GLN B 305 -13.58 25.94 -29.21
C GLN B 305 -13.12 24.74 -28.35
N ALA B 306 -14.06 24.07 -27.67
CA ALA B 306 -13.70 22.97 -26.77
C ALA B 306 -12.97 21.88 -27.53
N ARG B 307 -13.39 21.65 -28.76
CA ARG B 307 -12.71 20.72 -29.64
C ARG B 307 -11.24 21.08 -29.72
N ARG B 308 -10.96 22.28 -30.20
CA ARG B 308 -9.60 22.77 -30.38
C ARG B 308 -8.79 22.53 -29.09
N ALA B 309 -9.38 22.87 -27.95
CA ALA B 309 -8.73 22.71 -26.65
C ALA B 309 -8.32 21.27 -26.33
N HIS B 310 -9.23 20.33 -26.62
CA HIS B 310 -8.97 18.93 -26.38
C HIS B 310 -7.86 18.39 -27.28
N GLU B 311 -7.83 18.84 -28.54
CA GLU B 311 -6.77 18.44 -29.48
C GLU B 311 -5.42 18.82 -28.89
N THR B 312 -5.32 20.05 -28.42
CA THR B 312 -4.10 20.55 -27.78
C THR B 312 -3.64 19.68 -26.62
N LEU B 313 -4.57 19.33 -25.74
CA LEU B 313 -4.24 18.57 -24.53
C LEU B 313 -3.69 17.17 -24.86
N GLU B 314 -4.21 16.54 -25.91
CA GLU B 314 -3.81 15.19 -26.29
C GLU B 314 -2.45 15.12 -26.99
N SER B 315 -2.07 16.19 -27.69
CA SER B 315 -0.76 16.27 -28.34
C SER B 315 0.40 16.48 -27.34
N ARG B 316 0.06 16.72 -26.07
CA ARG B 316 1.04 16.91 -24.99
C ARG B 316 1.96 18.13 -25.19
N ALA B 317 1.53 19.07 -26.02
CA ALA B 317 2.28 20.32 -26.24
C ALA B 317 2.09 21.29 -25.07
N THR B 318 1.04 21.07 -24.27
CA THR B 318 0.75 21.96 -23.14
C THR B 318 1.63 21.71 -21.93
N THR B 319 1.80 22.77 -21.14
CA THR B 319 2.40 22.68 -19.81
C THR B 319 1.46 23.41 -18.87
N GLY B 320 1.29 22.87 -17.66
CA GLY B 320 0.41 23.49 -16.67
C GLY B 320 -1.07 23.33 -17.03
N SER B 321 -1.92 24.09 -16.36
CA SER B 321 -3.37 23.98 -16.55
C SER B 321 -3.86 24.66 -17.82
N SER B 322 -5.00 24.20 -18.32
CA SER B 322 -5.70 24.86 -19.42
C SER B 322 -7.10 25.29 -18.96
N LEU B 323 -7.75 26.16 -19.73
CA LEU B 323 -9.07 26.70 -19.36
C LEU B 323 -10.00 26.86 -20.55
N LEU B 324 -11.29 26.66 -20.31
CA LEU B 324 -12.33 27.03 -21.25
C LEU B 324 -13.06 28.24 -20.70
N ILE B 325 -13.21 29.28 -21.51
CA ILE B 325 -13.92 30.50 -21.07
C ILE B 325 -15.34 30.51 -21.65
N PRO B 326 -16.36 30.38 -20.78
CA PRO B 326 -17.74 30.42 -21.27
C PRO B 326 -18.15 31.80 -21.78
#